data_9QW7
#
_entry.id   9QW7
#
_cell.length_a   81.796
_cell.length_b   81.796
_cell.length_c   286.593
_cell.angle_alpha   90.00
_cell.angle_beta   90.00
_cell.angle_gamma   120.00
#
_symmetry.space_group_name_H-M   'P 32 2 1'
#
loop_
_entity.id
_entity.type
_entity.pdbx_description
1 polymer 'tRNA ligase'
2 non-polymer 'ADENOSINE MONOPHOSPHATE'
3 non-polymer 'CHLORIDE ION'
4 water water
#
_entity_poly.entity_id   1
_entity_poly.type   'polypeptide(L)'
_entity_poly.pdbx_seq_one_letter_code
;MNLSRNVKDLVEKLEAASQLPGRGKAIKRICKLSNSDGQVVSWKFNEWDYGKNNIKLPCCARGLFITDDSKNPQIVARGY
DKFFNIDETPFTRWDTLESDTKGTYNVTLKANGCIIFVSGMADGTLVVCSKHSTGPRDDVDRNHADAGEQFLLSQLKSIG
IEPQQLALELYQNNVTAVAEYCDDTFEEHILEYTNDDVGLYLHGINYNETTFRTWDMDSVSEFARKYNFKQIKYENFNDF
TLLKKFLEECSNSGTYHGQEVEGFVIRCKTRENGNDFFFKYKFEEPYLMYRQWREVTKDYISTKSRVFKFKKHKFITNKY
LDFVIPILDSSPALCEEYMKGFGIIKLRNEFLKDFGMSGLEILNHEKVLELENANKIDYDTVDE
;
_entity_poly.pdbx_strand_id   A,B
#
loop_
_chem_comp.id
_chem_comp.type
_chem_comp.name
_chem_comp.formula
AMP non-polymer 'ADENOSINE MONOPHOSPHATE' 'C10 H14 N5 O7 P'
CL non-polymer 'CHLORIDE ION' 'Cl -1'
#
# COMPACT_ATOMS: atom_id res chain seq x y z
N MET A 1 0.76 -16.01 -21.54
CA MET A 1 2.01 -16.36 -20.87
C MET A 1 2.13 -15.66 -19.53
N ASN A 2 1.03 -15.07 -19.06
CA ASN A 2 1.04 -14.26 -17.84
C ASN A 2 1.22 -15.17 -16.63
N LEU A 3 2.40 -15.10 -16.00
CA LEU A 3 2.68 -15.83 -14.78
C LEU A 3 2.51 -14.98 -13.53
N SER A 4 2.01 -13.74 -13.68
CA SER A 4 1.81 -12.88 -12.53
C SER A 4 0.75 -13.40 -11.57
N ARG A 5 -0.16 -14.25 -12.05
CA ARG A 5 -1.19 -14.87 -11.22
C ARG A 5 -0.90 -16.33 -10.92
N ASN A 6 0.26 -16.83 -11.34
CA ASN A 6 0.63 -18.21 -11.07
C ASN A 6 1.05 -18.37 -9.60
N VAL A 7 0.51 -19.38 -8.94
CA VAL A 7 0.71 -19.56 -7.51
C VAL A 7 1.18 -20.99 -7.23
N LYS A 8 1.76 -21.63 -8.25
CA LYS A 8 2.09 -23.05 -8.14
C LYS A 8 3.08 -23.33 -7.02
N ASP A 9 3.92 -22.35 -6.66
CA ASP A 9 4.80 -22.52 -5.52
C ASP A 9 3.99 -22.72 -4.24
N LEU A 10 3.00 -21.85 -4.01
CA LEU A 10 2.14 -22.00 -2.84
C LEU A 10 1.34 -23.29 -2.90
N VAL A 11 0.91 -23.69 -4.10
CA VAL A 11 0.17 -24.94 -4.23
C VAL A 11 1.04 -26.12 -3.84
N GLU A 12 2.30 -26.13 -4.28
CA GLU A 12 3.22 -27.18 -3.89
C GLU A 12 3.44 -27.19 -2.40
N LYS A 13 3.60 -26.01 -1.80
CA LYS A 13 3.80 -25.93 -0.36
C LYS A 13 2.58 -26.45 0.41
N LEU A 14 1.38 -26.11 -0.07
CA LEU A 14 0.16 -26.58 0.58
C LEU A 14 -0.01 -28.08 0.44
N GLU A 15 0.31 -28.63 -0.74
CA GLU A 15 0.24 -30.07 -0.92
C GLU A 15 1.22 -30.79 0.01
N ALA A 16 2.43 -30.24 0.14
CA ALA A 16 3.40 -30.82 1.05
C ALA A 16 2.92 -30.76 2.49
N ALA A 17 2.37 -29.63 2.89
CA ALA A 17 1.83 -29.50 4.25
C ALA A 17 0.61 -30.38 4.47
N SER A 18 -0.07 -30.79 3.40
CA SER A 18 -1.20 -31.70 3.55
C SER A 18 -0.78 -33.04 4.13
N GLN A 19 0.42 -33.50 3.78
CA GLN A 19 0.90 -34.81 4.22
C GLN A 19 1.42 -34.81 5.64
N LEU A 20 1.58 -33.64 6.26
CA LEU A 20 2.07 -33.58 7.63
C LEU A 20 1.06 -34.25 8.56
N PRO A 21 1.49 -35.15 9.44
CA PRO A 21 0.53 -35.95 10.24
C PRO A 21 -0.32 -35.12 11.20
N GLY A 22 0.32 -34.36 12.09
CA GLY A 22 -0.43 -33.77 13.18
C GLY A 22 -0.28 -32.26 13.38
N ARG A 23 0.85 -31.70 12.97
CA ARG A 23 1.14 -30.29 13.20
C ARG A 23 1.19 -29.57 11.86
N GLY A 24 0.38 -28.53 11.72
CA GLY A 24 0.32 -27.78 10.47
C GLY A 24 -0.15 -28.59 9.29
N LYS A 25 -1.07 -29.53 9.50
CA LYS A 25 -1.57 -30.35 8.41
C LYS A 25 -2.52 -29.54 7.55
N ALA A 26 -2.14 -29.33 6.29
CA ALA A 26 -2.98 -28.57 5.37
C ALA A 26 -4.25 -29.36 5.06
N ILE A 27 -5.39 -28.69 5.15
CA ILE A 27 -6.68 -29.30 4.94
C ILE A 27 -7.18 -28.87 3.57
N LYS A 28 -7.51 -29.84 2.72
CA LYS A 28 -7.84 -29.61 1.32
C LYS A 28 -9.27 -30.08 1.06
N ARG A 29 -10.05 -29.25 0.37
CA ARG A 29 -11.44 -29.57 0.05
C ARG A 29 -11.75 -29.10 -1.36
N ILE A 30 -12.16 -30.02 -2.23
CA ILE A 30 -12.44 -29.69 -3.62
C ILE A 30 -13.92 -29.39 -3.76
N CYS A 31 -14.24 -28.19 -4.26
CA CYS A 31 -15.61 -27.77 -4.50
C CYS A 31 -15.86 -27.60 -5.99
N LYS A 32 -17.12 -27.70 -6.38
CA LYS A 32 -17.52 -27.51 -7.77
C LYS A 32 -18.14 -26.13 -7.94
N LEU A 33 -17.71 -25.42 -8.99
CA LEU A 33 -18.25 -24.10 -9.24
C LEU A 33 -19.72 -24.17 -9.57
N SER A 34 -20.50 -23.26 -8.97
CA SER A 34 -21.94 -23.23 -9.18
C SER A 34 -22.34 -22.64 -10.53
N ASN A 35 -21.41 -21.98 -11.23
CA ASN A 35 -21.67 -21.40 -12.54
C ASN A 35 -20.88 -22.07 -13.65
N SER A 36 -19.56 -22.16 -13.50
CA SER A 36 -18.71 -22.71 -14.55
C SER A 36 -18.67 -24.24 -14.58
N ASP A 37 -19.26 -24.91 -13.59
CA ASP A 37 -19.18 -26.35 -13.33
C ASP A 37 -17.75 -26.87 -13.15
N GLY A 38 -16.74 -26.00 -13.19
CA GLY A 38 -15.39 -26.44 -12.91
C GLY A 38 -15.18 -26.63 -11.43
N GLN A 39 -13.94 -26.96 -11.07
CA GLN A 39 -13.60 -27.26 -9.69
C GLN A 39 -12.58 -26.26 -9.16
N VAL A 40 -12.67 -25.98 -7.86
CA VAL A 40 -11.75 -25.07 -7.17
C VAL A 40 -11.37 -25.71 -5.84
N VAL A 41 -10.11 -25.54 -5.44
CA VAL A 41 -9.59 -26.14 -4.22
C VAL A 41 -9.62 -25.11 -3.11
N SER A 42 -10.12 -25.51 -1.93
CA SER A 42 -10.16 -24.67 -0.75
C SER A 42 -9.21 -25.26 0.28
N TRP A 43 -8.26 -24.44 0.73
CA TRP A 43 -7.29 -24.85 1.72
C TRP A 43 -7.58 -24.15 3.05
N LYS A 44 -7.32 -24.87 4.14
CA LYS A 44 -7.62 -24.38 5.47
C LYS A 44 -6.74 -25.11 6.48
N PHE A 45 -6.31 -24.40 7.51
CA PHE A 45 -5.50 -24.98 8.58
C PHE A 45 -6.28 -24.99 9.88
N ASN A 46 -5.77 -25.76 10.83
CA ASN A 46 -6.36 -25.82 12.17
C ASN A 46 -6.20 -24.47 12.86
N GLU A 47 -7.22 -24.08 13.62
CA GLU A 47 -7.18 -22.79 14.31
C GLU A 47 -6.05 -22.74 15.33
N TRP A 48 -5.84 -23.83 16.07
CA TRP A 48 -4.75 -23.86 17.03
C TRP A 48 -3.38 -23.85 16.35
N ASP A 49 -3.31 -24.13 15.05
CA ASP A 49 -2.06 -24.02 14.32
C ASP A 49 -1.76 -22.60 13.86
N TYR A 50 -2.71 -21.67 13.99
CA TYR A 50 -2.50 -20.30 13.57
C TYR A 50 -1.82 -19.49 14.67
N GLY A 51 -1.20 -18.39 14.26
CA GLY A 51 -0.68 -17.40 15.18
C GLY A 51 0.38 -17.90 16.13
N LYS A 52 1.31 -18.72 15.63
CA LYS A 52 2.41 -19.22 16.44
C LYS A 52 3.70 -19.10 15.66
N ASN A 53 4.72 -18.50 16.28
CA ASN A 53 6.00 -18.29 15.61
C ASN A 53 6.77 -19.57 15.42
N ASN A 54 6.44 -20.62 16.17
CA ASN A 54 7.04 -21.94 15.97
C ASN A 54 6.33 -22.76 14.91
N ILE A 55 5.25 -22.24 14.34
CA ILE A 55 4.48 -22.92 13.29
C ILE A 55 4.34 -21.94 12.14
N LYS A 56 5.25 -22.03 11.17
CA LYS A 56 5.20 -21.15 10.00
C LYS A 56 4.22 -21.74 8.98
N LEU A 57 3.22 -20.93 8.57
CA LEU A 57 2.27 -21.44 7.59
C LEU A 57 2.57 -20.86 6.22
N PRO A 58 2.30 -21.62 5.15
CA PRO A 58 2.47 -21.06 3.79
C PRO A 58 1.64 -19.81 3.55
N CYS A 59 0.42 -19.77 4.10
CA CYS A 59 -0.46 -18.63 3.97
C CYS A 59 -1.34 -18.58 5.22
N CYS A 60 -1.76 -17.37 5.58
CA CYS A 60 -2.48 -17.16 6.83
C CYS A 60 -3.91 -16.65 6.58
N ALA A 61 -4.45 -16.94 5.40
CA ALA A 61 -5.76 -16.42 5.02
C ALA A 61 -6.87 -17.35 5.49
N ARG A 62 -7.82 -16.79 6.23
CA ARG A 62 -9.03 -17.52 6.61
C ARG A 62 -9.91 -17.60 5.38
N GLY A 63 -9.90 -18.75 4.71
CA GLY A 63 -10.62 -18.91 3.47
C GLY A 63 -9.72 -18.65 2.28
N LEU A 64 -9.40 -19.71 1.55
CA LEU A 64 -8.54 -19.60 0.38
C LEU A 64 -9.03 -20.58 -0.67
N PHE A 65 -9.24 -20.08 -1.90
CA PHE A 65 -9.77 -20.87 -3.00
C PHE A 65 -8.90 -20.64 -4.22
N ILE A 66 -8.32 -21.73 -4.73
CA ILE A 66 -7.41 -21.71 -5.86
C ILE A 66 -8.03 -22.53 -6.99
N THR A 67 -7.62 -22.21 -8.23
CA THR A 67 -8.15 -22.88 -9.40
C THR A 67 -7.71 -24.34 -9.44
N ASP A 68 -8.17 -25.05 -10.47
CA ASP A 68 -7.89 -26.47 -10.65
C ASP A 68 -7.03 -26.71 -11.89
N ASP A 69 -6.00 -25.88 -12.05
CA ASP A 69 -5.09 -25.99 -13.18
C ASP A 69 -3.74 -26.50 -12.71
N SER A 70 -3.18 -27.46 -13.44
CA SER A 70 -1.92 -28.10 -13.06
C SER A 70 -0.70 -27.32 -13.52
N LYS A 71 -0.86 -26.36 -14.43
CA LYS A 71 0.26 -25.58 -14.93
C LYS A 71 0.19 -24.10 -14.58
N ASN A 72 -0.94 -23.62 -14.07
CA ASN A 72 -1.07 -22.22 -13.67
C ASN A 72 -2.21 -22.05 -12.67
N PRO A 73 -2.08 -22.56 -11.44
CA PRO A 73 -3.12 -22.32 -10.45
C PRO A 73 -3.23 -20.84 -10.13
N GLN A 74 -4.45 -20.38 -9.92
CA GLN A 74 -4.71 -18.99 -9.61
C GLN A 74 -5.61 -18.89 -8.39
N ILE A 75 -5.33 -17.92 -7.54
CA ILE A 75 -6.11 -17.71 -6.33
C ILE A 75 -7.48 -17.15 -6.73
N VAL A 76 -8.50 -18.01 -6.71
CA VAL A 76 -9.84 -17.56 -7.06
C VAL A 76 -10.36 -16.58 -6.02
N ALA A 77 -10.23 -16.94 -4.74
CA ALA A 77 -10.80 -16.13 -3.66
C ALA A 77 -9.90 -16.17 -2.45
N ARG A 78 -9.69 -15.00 -1.84
CA ARG A 78 -8.88 -14.89 -0.63
C ARG A 78 -9.63 -14.06 0.41
N GLY A 79 -9.61 -14.54 1.65
CA GLY A 79 -10.18 -13.82 2.76
C GLY A 79 -9.12 -13.05 3.55
N TYR A 80 -9.53 -12.58 4.72
CA TYR A 80 -8.62 -11.90 5.62
C TYR A 80 -7.64 -12.90 6.23
N ASP A 81 -6.56 -12.36 6.81
CA ASP A 81 -5.70 -13.18 7.63
C ASP A 81 -6.38 -13.48 8.95
N LYS A 82 -5.89 -14.51 9.63
CA LYS A 82 -6.39 -14.82 10.97
C LYS A 82 -5.81 -13.80 11.94
N PHE A 83 -6.68 -13.06 12.60
CA PHE A 83 -6.26 -12.03 13.55
C PHE A 83 -6.93 -12.31 14.89
N PHE A 84 -6.24 -11.94 15.97
CA PHE A 84 -6.62 -12.35 17.31
C PHE A 84 -6.91 -11.16 18.19
N ASN A 85 -7.60 -11.45 19.29
CA ASN A 85 -7.96 -10.43 20.27
C ASN A 85 -6.71 -9.87 20.94
N ILE A 86 -6.88 -8.70 21.57
CA ILE A 86 -5.79 -8.08 22.30
C ILE A 86 -5.36 -8.99 23.45
N ASP A 87 -4.05 -9.13 23.62
CA ASP A 87 -3.38 -9.95 24.63
C ASP A 87 -3.54 -11.44 24.39
N GLU A 88 -4.30 -11.85 23.38
CA GLU A 88 -4.44 -13.28 23.09
C GLU A 88 -3.11 -13.89 22.68
N THR A 89 -2.26 -13.12 22.02
CA THR A 89 -0.96 -13.55 21.53
C THR A 89 0.10 -12.57 21.99
N PRO A 90 1.36 -12.99 22.04
CA PRO A 90 2.42 -12.04 22.45
C PRO A 90 2.58 -10.84 21.54
N PHE A 91 2.06 -10.90 20.31
CA PHE A 91 2.14 -9.78 19.39
C PHE A 91 0.82 -9.03 19.26
N THR A 92 -0.15 -9.28 20.14
CA THR A 92 -1.37 -8.47 20.23
C THR A 92 -1.53 -7.85 21.62
N ARG A 93 -0.44 -7.78 22.39
CA ARG A 93 -0.49 -7.17 23.70
C ARG A 93 -0.57 -5.64 23.57
N TRP A 94 -1.11 -5.00 24.61
CA TRP A 94 -1.41 -3.57 24.54
C TRP A 94 -0.15 -2.71 24.39
N ASP A 95 1.03 -3.26 24.68
CA ASP A 95 2.28 -2.51 24.56
C ASP A 95 3.02 -2.77 23.27
N THR A 96 2.97 -4.01 22.76
CA THR A 96 3.67 -4.33 21.52
C THR A 96 3.02 -3.65 20.31
N LEU A 97 1.69 -3.48 20.34
CA LEU A 97 1.00 -2.91 19.19
C LEU A 97 1.44 -1.47 18.94
N GLU A 98 1.58 -0.66 19.99
CA GLU A 98 2.05 0.71 19.79
C GLU A 98 3.48 0.74 19.26
N SER A 99 4.34 -0.14 19.76
CA SER A 99 5.73 -0.16 19.33
C SER A 99 5.88 -0.58 17.88
N ASP A 100 5.11 -1.58 17.45
CA ASP A 100 5.34 -2.23 16.17
C ASP A 100 4.30 -1.91 15.10
N THR A 101 3.32 -1.05 15.38
CA THR A 101 2.31 -0.67 14.39
C THR A 101 2.21 0.85 14.29
N LYS A 102 1.61 1.29 13.19
CA LYS A 102 1.40 2.71 12.90
C LYS A 102 -0.02 2.89 12.40
N GLY A 103 -0.33 4.11 11.93
CA GLY A 103 -1.66 4.40 11.42
C GLY A 103 -1.79 4.12 9.93
N THR A 104 -2.98 4.43 9.39
CA THR A 104 -4.10 4.96 10.17
C THR A 104 -4.94 3.82 10.73
N TYR A 105 -5.35 3.95 11.99
CA TYR A 105 -6.11 2.90 12.66
C TYR A 105 -7.59 3.01 12.26
N ASN A 106 -8.13 1.93 11.70
CA ASN A 106 -9.52 1.91 11.24
C ASN A 106 -10.31 0.96 12.15
N VAL A 107 -11.41 1.45 12.70
CA VAL A 107 -12.24 0.69 13.63
C VAL A 107 -13.59 0.44 12.98
N THR A 108 -13.96 -0.83 12.87
CA THR A 108 -15.28 -1.24 12.41
C THR A 108 -15.93 -2.09 13.49
N LEU A 109 -17.26 -2.20 13.42
CA LEU A 109 -17.97 -3.03 14.37
C LEU A 109 -17.74 -4.51 14.05
N LYS A 110 -17.78 -5.34 15.08
CA LYS A 110 -17.70 -6.78 14.90
C LYS A 110 -18.88 -7.25 14.06
N ALA A 111 -18.59 -8.08 13.07
CA ALA A 111 -19.64 -8.59 12.19
C ALA A 111 -20.55 -9.55 12.96
N ASN A 112 -21.82 -9.55 12.58
CA ASN A 112 -22.80 -10.47 13.15
C ASN A 112 -23.37 -11.45 12.15
N GLY A 113 -23.33 -11.15 10.85
CA GLY A 113 -23.89 -12.00 9.83
C GLY A 113 -22.87 -12.94 9.21
N CYS A 114 -23.34 -13.72 8.25
CA CYS A 114 -22.49 -14.71 7.59
C CYS A 114 -21.57 -14.04 6.59
N ILE A 115 -20.35 -14.59 6.48
CA ILE A 115 -19.29 -14.02 5.67
C ILE A 115 -19.27 -14.73 4.32
N ILE A 116 -19.14 -13.95 3.24
CA ILE A 116 -19.11 -14.49 1.88
C ILE A 116 -18.00 -13.78 1.08
N PHE A 117 -17.40 -14.53 0.17
CA PHE A 117 -16.35 -14.02 -0.71
C PHE A 117 -16.89 -13.97 -2.13
N VAL A 118 -16.80 -12.80 -2.75
CA VAL A 118 -17.26 -12.61 -4.12
C VAL A 118 -16.06 -12.29 -4.99
N SER A 119 -15.84 -13.09 -6.02
CA SER A 119 -14.73 -12.85 -6.95
C SER A 119 -15.20 -13.14 -8.35
N GLY A 120 -14.33 -12.86 -9.32
CA GLY A 120 -14.65 -13.08 -10.71
C GLY A 120 -13.55 -13.85 -11.42
N MET A 121 -13.96 -14.64 -12.40
CA MET A 121 -13.05 -15.38 -13.25
C MET A 121 -13.00 -14.74 -14.63
N ALA A 122 -12.10 -15.28 -15.47
CA ALA A 122 -11.94 -14.72 -16.82
C ALA A 122 -13.20 -14.90 -17.65
N ASP A 123 -13.90 -16.01 -17.47
CA ASP A 123 -15.12 -16.33 -18.22
C ASP A 123 -16.32 -15.51 -17.78
N GLY A 124 -16.14 -14.47 -16.98
CA GLY A 124 -17.24 -13.66 -16.51
C GLY A 124 -18.01 -14.26 -15.36
N THR A 125 -17.61 -15.43 -14.88
CA THR A 125 -18.30 -16.07 -13.77
C THR A 125 -18.17 -15.23 -12.51
N LEU A 126 -19.29 -15.07 -11.79
CA LEU A 126 -19.30 -14.38 -10.50
C LEU A 126 -19.30 -15.47 -9.42
N VAL A 127 -18.11 -15.81 -8.96
CA VAL A 127 -17.93 -16.89 -7.99
C VAL A 127 -18.23 -16.35 -6.60
N VAL A 128 -19.31 -16.84 -5.99
CA VAL A 128 -19.66 -16.52 -4.61
C VAL A 128 -19.39 -17.75 -3.77
N CYS A 129 -18.52 -17.61 -2.78
CA CYS A 129 -18.20 -18.64 -1.83
C CYS A 129 -18.55 -18.17 -0.43
N SER A 130 -18.48 -19.09 0.52
CA SER A 130 -18.78 -18.83 1.92
C SER A 130 -17.70 -19.54 2.72
N LYS A 131 -17.96 -19.78 4.00
CA LYS A 131 -16.96 -20.49 4.79
C LYS A 131 -16.64 -21.80 4.09
N HIS A 132 -15.48 -21.82 3.43
CA HIS A 132 -14.93 -22.97 2.71
C HIS A 132 -16.00 -23.79 1.99
N SER A 133 -16.75 -23.11 1.11
CA SER A 133 -17.78 -23.78 0.32
C SER A 133 -18.21 -22.88 -0.83
N THR A 134 -18.26 -23.43 -2.03
CA THR A 134 -18.87 -22.76 -3.18
C THR A 134 -19.74 -23.67 -4.02
N GLY A 135 -19.81 -24.97 -3.74
CA GLY A 135 -20.61 -25.91 -4.49
C GLY A 135 -22.06 -25.50 -4.65
N PRO A 136 -22.81 -25.37 -3.53
CA PRO A 136 -22.39 -25.62 -2.16
C PRO A 136 -22.49 -27.09 -1.76
N ASP A 141 -23.11 -27.25 3.83
CA ASP A 141 -22.69 -25.96 4.37
C ASP A 141 -23.89 -25.19 4.89
N ARG A 142 -23.65 -23.95 5.36
CA ARG A 142 -24.73 -23.08 5.78
C ARG A 142 -25.58 -22.59 4.62
N ASN A 143 -25.13 -22.83 3.38
CA ASN A 143 -25.79 -22.38 2.15
C ASN A 143 -25.98 -20.87 2.12
N HIS A 144 -25.31 -20.14 3.02
CA HIS A 144 -25.34 -18.69 2.97
C HIS A 144 -24.64 -18.15 1.74
N ALA A 145 -23.82 -18.98 1.08
CA ALA A 145 -23.24 -18.58 -0.20
C ALA A 145 -24.35 -18.34 -1.22
N ASP A 146 -25.30 -19.28 -1.34
CA ASP A 146 -26.38 -19.11 -2.30
C ASP A 146 -27.34 -18.01 -1.88
N ALA A 147 -27.61 -17.89 -0.57
CA ALA A 147 -28.46 -16.81 -0.10
C ALA A 147 -27.85 -15.45 -0.43
N GLY A 148 -26.57 -15.28 -0.14
CA GLY A 148 -25.87 -14.05 -0.49
C GLY A 148 -25.80 -13.83 -2.00
N GLU A 149 -25.68 -14.91 -2.77
CA GLU A 149 -25.70 -14.77 -4.22
C GLU A 149 -27.03 -14.22 -4.70
N GLN A 150 -28.13 -14.72 -4.13
CA GLN A 150 -29.45 -14.19 -4.47
C GLN A 150 -29.58 -12.72 -4.06
N PHE A 151 -29.09 -12.39 -2.86
CA PHE A 151 -29.12 -10.99 -2.42
C PHE A 151 -28.33 -10.09 -3.35
N LEU A 152 -27.14 -10.55 -3.78
CA LEU A 152 -26.28 -9.75 -4.64
C LEU A 152 -26.90 -9.57 -6.03
N LEU A 153 -27.46 -10.64 -6.60
CA LEU A 153 -28.12 -10.51 -7.89
C LEU A 153 -29.32 -9.57 -7.79
N SER A 154 -30.09 -9.68 -6.70
CA SER A 154 -31.24 -8.80 -6.50
C SER A 154 -30.82 -7.34 -6.39
N GLN A 155 -29.75 -7.06 -5.66
CA GLN A 155 -29.29 -5.69 -5.52
C GLN A 155 -28.60 -5.18 -6.78
N LEU A 156 -28.05 -6.07 -7.60
CA LEU A 156 -27.47 -5.65 -8.88
C LEU A 156 -28.56 -5.33 -9.90
N LYS A 157 -29.68 -6.06 -9.86
CA LYS A 157 -30.82 -5.71 -10.70
C LYS A 157 -31.38 -4.34 -10.32
N SER A 158 -31.35 -4.00 -9.03
CA SER A 158 -31.91 -2.74 -8.56
C SER A 158 -31.15 -1.53 -9.11
N ILE A 159 -29.90 -1.70 -9.52
CA ILE A 159 -29.12 -0.62 -10.11
C ILE A 159 -28.81 -0.86 -11.58
N GLY A 160 -29.26 -1.98 -12.14
CA GLY A 160 -29.04 -2.26 -13.54
C GLY A 160 -27.65 -2.71 -13.91
N ILE A 161 -26.80 -3.01 -12.93
CA ILE A 161 -25.44 -3.48 -13.19
C ILE A 161 -25.49 -4.99 -13.38
N GLU A 162 -24.99 -5.45 -14.52
CA GLU A 162 -24.95 -6.87 -14.80
C GLU A 162 -23.91 -7.56 -13.92
N PRO A 163 -24.15 -8.80 -13.49
CA PRO A 163 -23.13 -9.51 -12.72
C PRO A 163 -21.84 -9.75 -13.50
N GLN A 164 -21.91 -9.77 -14.84
CA GLN A 164 -20.70 -9.90 -15.63
C GLN A 164 -19.74 -8.73 -15.40
N GLN A 165 -20.28 -7.51 -15.29
CA GLN A 165 -19.43 -6.35 -15.04
C GLN A 165 -18.73 -6.44 -13.69
N LEU A 166 -19.46 -6.86 -12.66
CA LEU A 166 -18.85 -7.03 -11.34
C LEU A 166 -17.77 -8.10 -11.36
N ALA A 167 -18.06 -9.24 -12.01
CA ALA A 167 -17.06 -10.30 -12.10
C ALA A 167 -15.82 -9.81 -12.84
N LEU A 168 -16.01 -9.07 -13.93
CA LEU A 168 -14.88 -8.58 -14.70
C LEU A 168 -14.07 -7.55 -13.93
N GLU A 169 -14.73 -6.65 -13.19
CA GLU A 169 -13.98 -5.67 -12.41
C GLU A 169 -13.21 -6.33 -11.30
N LEU A 170 -13.80 -7.35 -10.66
CA LEU A 170 -13.05 -8.11 -9.66
C LEU A 170 -11.86 -8.82 -10.29
N TYR A 171 -12.05 -9.39 -11.47
CA TYR A 171 -10.97 -10.12 -12.14
C TYR A 171 -9.84 -9.19 -12.56
N GLN A 172 -10.18 -8.01 -13.09
CA GLN A 172 -9.15 -7.07 -13.56
C GLN A 172 -8.29 -6.60 -12.40
N ASN A 173 -8.91 -6.31 -11.25
CA ASN A 173 -8.14 -5.98 -10.07
C ASN A 173 -7.61 -7.21 -9.34
N ASN A 174 -8.03 -8.40 -9.74
CA ASN A 174 -7.67 -9.65 -9.07
C ASN A 174 -8.00 -9.56 -7.57
N VAL A 175 -9.25 -9.19 -7.29
CA VAL A 175 -9.67 -8.92 -5.92
C VAL A 175 -10.81 -9.85 -5.54
N THR A 176 -10.91 -10.10 -4.25
CA THR A 176 -12.03 -10.80 -3.63
C THR A 176 -12.69 -9.83 -2.67
N ALA A 177 -14.01 -9.71 -2.76
CA ALA A 177 -14.78 -8.85 -1.88
C ALA A 177 -15.33 -9.68 -0.73
N VAL A 178 -14.94 -9.33 0.49
CA VAL A 178 -15.43 -9.97 1.70
C VAL A 178 -16.66 -9.19 2.17
N ALA A 179 -17.78 -9.89 2.30
CA ALA A 179 -19.07 -9.26 2.58
C ALA A 179 -19.76 -9.98 3.73
N GLU A 180 -20.46 -9.21 4.56
CA GLU A 180 -21.27 -9.73 5.65
C GLU A 180 -22.74 -9.58 5.29
N TYR A 181 -23.51 -10.66 5.39
CA TYR A 181 -24.93 -10.63 5.08
C TYR A 181 -25.73 -11.11 6.28
N CYS A 182 -26.82 -10.41 6.58
CA CYS A 182 -27.63 -10.64 7.77
C CYS A 182 -29.07 -10.88 7.35
N ASP A 183 -29.47 -12.15 7.29
CA ASP A 183 -30.84 -12.48 6.94
C ASP A 183 -31.74 -12.43 8.17
N ASP A 184 -33.04 -12.29 7.93
CA ASP A 184 -34.01 -12.33 9.02
C ASP A 184 -34.19 -13.74 9.57
N THR A 185 -33.80 -14.77 8.81
CA THR A 185 -33.79 -16.13 9.31
C THR A 185 -32.66 -16.38 10.30
N PHE A 186 -31.74 -15.42 10.45
CA PHE A 186 -30.67 -15.55 11.42
C PHE A 186 -31.20 -15.42 12.85
N GLU A 187 -30.47 -16.03 13.78
CA GLU A 187 -30.79 -15.89 15.19
C GLU A 187 -30.27 -14.56 15.73
N GLU A 188 -30.74 -14.21 16.92
CA GLU A 188 -30.25 -13.01 17.60
C GLU A 188 -28.90 -13.29 18.24
N HIS A 189 -28.05 -12.27 18.25
CA HIS A 189 -26.85 -12.31 19.07
C HIS A 189 -27.15 -11.68 20.42
N ILE A 190 -26.28 -11.95 21.40
CA ILE A 190 -26.54 -11.53 22.77
C ILE A 190 -26.68 -10.02 22.84
N LEU A 191 -25.80 -9.29 22.16
CA LEU A 191 -25.88 -7.84 22.09
C LEU A 191 -26.58 -7.42 20.82
N GLU A 192 -27.41 -6.38 20.92
CA GLU A 192 -28.19 -5.92 19.78
C GLU A 192 -27.29 -5.28 18.74
N TYR A 193 -27.72 -5.36 17.49
CA TYR A 193 -27.00 -4.81 16.35
C TYR A 193 -27.90 -3.81 15.64
N THR A 194 -27.40 -2.59 15.44
CA THR A 194 -28.18 -1.52 14.85
C THR A 194 -28.04 -1.42 13.33
N ASN A 195 -27.29 -2.32 12.72
CA ASN A 195 -27.13 -2.36 11.27
C ASN A 195 -27.74 -3.63 10.69
N ASP A 196 -28.92 -4.02 11.18
CA ASP A 196 -29.56 -5.25 10.73
C ASP A 196 -29.90 -5.17 9.25
N ASP A 197 -30.85 -4.31 8.88
CA ASP A 197 -31.10 -3.87 7.51
C ASP A 197 -30.82 -4.96 6.48
N VAL A 198 -31.60 -6.04 6.56
CA VAL A 198 -31.32 -7.31 5.88
C VAL A 198 -30.88 -7.07 4.45
N GLY A 199 -29.71 -7.62 4.09
CA GLY A 199 -29.10 -7.36 2.80
C GLY A 199 -27.63 -7.73 2.83
N LEU A 200 -26.88 -7.13 1.91
CA LEU A 200 -25.46 -7.42 1.74
C LEU A 200 -24.63 -6.20 2.11
N TYR A 201 -23.81 -6.35 3.15
CA TYR A 201 -22.83 -5.36 3.55
C TYR A 201 -21.46 -5.73 3.01
N LEU A 202 -20.71 -4.73 2.57
CA LEU A 202 -19.36 -4.95 2.04
C LEU A 202 -18.36 -4.67 3.15
N HIS A 203 -17.71 -5.74 3.65
CA HIS A 203 -16.79 -5.58 4.76
C HIS A 203 -15.40 -5.15 4.29
N GLY A 204 -14.97 -5.62 3.13
CA GLY A 204 -13.66 -5.23 2.64
C GLY A 204 -13.35 -5.84 1.30
N ILE A 205 -12.17 -5.50 0.78
CA ILE A 205 -11.68 -6.02 -0.49
C ILE A 205 -10.22 -6.42 -0.30
N ASN A 206 -9.85 -7.61 -0.79
CA ASN A 206 -8.49 -8.10 -0.71
C ASN A 206 -7.97 -8.41 -2.10
N TYR A 207 -6.66 -8.34 -2.27
CA TYR A 207 -6.02 -8.79 -3.50
C TYR A 207 -5.74 -10.29 -3.37
N ASN A 208 -5.95 -11.01 -4.48
CA ASN A 208 -5.77 -12.46 -4.49
C ASN A 208 -4.28 -12.77 -4.64
N GLU A 209 -3.55 -12.58 -3.55
CA GLU A 209 -2.12 -12.87 -3.48
C GLU A 209 -1.85 -13.70 -2.25
N THR A 210 -0.65 -14.30 -2.20
CA THR A 210 -0.28 -15.09 -1.04
C THR A 210 -0.21 -14.22 0.22
N THR A 211 0.35 -13.03 0.10
CA THR A 211 0.41 -12.11 1.23
C THR A 211 -0.92 -11.35 1.36
N PHE A 212 -1.11 -10.74 2.52
CA PHE A 212 -2.35 -10.06 2.88
C PHE A 212 -2.24 -8.58 2.55
N ARG A 213 -3.06 -8.11 1.62
CA ARG A 213 -3.16 -6.69 1.29
C ARG A 213 -4.62 -6.37 1.04
N THR A 214 -5.18 -5.45 1.83
CA THR A 214 -6.58 -5.08 1.74
C THR A 214 -6.73 -3.61 1.38
N TRP A 215 -7.82 -3.30 0.67
CA TRP A 215 -8.09 -1.93 0.26
C TRP A 215 -8.46 -1.06 1.47
N ASP A 216 -8.18 0.24 1.35
CA ASP A 216 -8.64 1.19 2.35
C ASP A 216 -10.15 1.38 2.24
N MET A 217 -10.77 1.72 3.38
CA MET A 217 -12.22 1.70 3.47
C MET A 217 -12.89 2.71 2.54
N ASP A 218 -12.20 3.79 2.18
CA ASP A 218 -12.78 4.75 1.24
C ASP A 218 -12.92 4.13 -0.15
N SER A 219 -11.89 3.40 -0.60
CA SER A 219 -12.00 2.68 -1.87
C SER A 219 -13.09 1.62 -1.80
N VAL A 220 -13.24 0.99 -0.63
CA VAL A 220 -14.31 0.00 -0.45
C VAL A 220 -15.67 0.66 -0.59
N SER A 221 -15.84 1.85 0.00
CA SER A 221 -17.11 2.56 -0.14
C SER A 221 -17.38 2.94 -1.58
N GLU A 222 -16.36 3.43 -2.29
CA GLU A 222 -16.54 3.79 -3.69
C GLU A 222 -16.93 2.58 -4.53
N PHE A 223 -16.32 1.43 -4.24
CA PHE A 223 -16.70 0.20 -4.94
C PHE A 223 -18.12 -0.23 -4.59
N ALA A 224 -18.51 -0.05 -3.32
CA ALA A 224 -19.83 -0.48 -2.87
C ALA A 224 -20.94 0.35 -3.50
N ARG A 225 -20.77 1.67 -3.56
CA ARG A 225 -21.77 2.49 -4.24
C ARG A 225 -21.86 2.13 -5.71
N LYS A 226 -20.75 1.70 -6.30
CA LYS A 226 -20.74 1.29 -7.70
C LYS A 226 -21.51 0.00 -7.94
N TYR A 227 -21.76 -0.79 -6.90
CA TYR A 227 -22.39 -2.09 -7.06
C TYR A 227 -23.50 -2.34 -6.03
N ASN A 228 -24.08 -1.28 -5.49
CA ASN A 228 -25.29 -1.35 -4.65
C ASN A 228 -25.09 -2.22 -3.40
N PHE A 229 -23.94 -2.06 -2.76
CA PHE A 229 -23.68 -2.73 -1.48
C PHE A 229 -24.05 -1.79 -0.34
N LYS A 230 -24.49 -2.40 0.77
CA LYS A 230 -24.82 -1.63 1.96
C LYS A 230 -23.54 -1.25 2.68
N GLN A 231 -23.33 0.05 2.86
CA GLN A 231 -22.07 0.53 3.43
C GLN A 231 -21.98 0.20 4.91
N ILE A 232 -20.74 0.19 5.43
CA ILE A 232 -20.46 -0.23 6.80
C ILE A 232 -19.84 0.94 7.55
N LYS A 233 -20.36 1.21 8.74
CA LYS A 233 -19.85 2.27 9.59
C LYS A 233 -18.45 1.95 10.10
N TYR A 234 -17.63 2.99 10.25
CA TYR A 234 -16.27 2.85 10.76
C TYR A 234 -15.77 4.22 11.20
N GLU A 235 -14.65 4.21 11.91
CA GLU A 235 -14.01 5.46 12.34
C GLU A 235 -12.51 5.34 12.21
N ASN A 236 -11.84 6.47 11.98
CA ASN A 236 -10.39 6.51 11.77
C ASN A 236 -9.73 7.30 12.89
N PHE A 237 -8.74 6.68 13.53
CA PHE A 237 -7.91 7.34 14.53
C PHE A 237 -6.46 7.27 14.08
N ASN A 238 -5.80 8.42 14.05
CA ASN A 238 -4.50 8.52 13.39
C ASN A 238 -3.36 7.93 14.21
N ASP A 239 -3.43 8.00 15.53
CA ASP A 239 -2.34 7.56 16.39
C ASP A 239 -2.85 6.52 17.39
N PHE A 240 -1.91 5.80 17.99
CA PHE A 240 -2.26 4.77 18.95
C PHE A 240 -2.91 5.36 20.20
N THR A 241 -2.45 6.53 20.63
CA THR A 241 -3.01 7.14 21.83
C THR A 241 -4.47 7.52 21.66
N LEU A 242 -4.83 8.08 20.50
CA LEU A 242 -6.23 8.41 20.24
C LEU A 242 -7.09 7.16 20.21
N LEU A 243 -6.58 6.08 19.60
CA LEU A 243 -7.32 4.83 19.56
C LEU A 243 -7.53 4.26 20.96
N LYS A 244 -6.49 4.29 21.80
CA LYS A 244 -6.65 3.79 23.17
C LYS A 244 -7.63 4.65 23.95
N LYS A 245 -7.60 5.97 23.73
CA LYS A 245 -8.56 6.86 24.38
C LYS A 245 -9.98 6.49 23.99
N PHE A 246 -10.24 6.36 22.68
CA PHE A 246 -11.58 6.02 22.22
C PHE A 246 -12.03 4.67 22.76
N LEU A 247 -11.16 3.66 22.70
CA LEU A 247 -11.53 2.32 23.13
C LEU A 247 -11.84 2.29 24.62
N GLU A 248 -10.99 2.92 25.44
CA GLU A 248 -11.20 2.86 26.88
C GLU A 248 -12.41 3.69 27.29
N GLU A 249 -12.63 4.84 26.65
CA GLU A 249 -13.84 5.62 26.94
C GLU A 249 -15.09 4.87 26.54
N CYS A 250 -15.07 4.18 25.39
CA CYS A 250 -16.23 3.41 24.96
C CYS A 250 -16.48 2.25 25.91
N SER A 251 -15.42 1.59 26.38
CA SER A 251 -15.59 0.49 27.34
C SER A 251 -16.15 1.00 28.66
N ASN A 252 -15.65 2.14 29.15
CA ASN A 252 -16.21 2.75 30.35
C ASN A 252 -17.64 3.23 30.14
N SER A 253 -18.05 3.45 28.88
CA SER A 253 -19.40 3.89 28.58
C SER A 253 -20.29 2.80 28.01
N GLY A 254 -19.72 1.80 27.35
CA GLY A 254 -20.51 0.70 26.82
C GLY A 254 -21.37 1.05 25.63
N THR A 255 -21.28 2.29 25.13
CA THR A 255 -22.07 2.73 23.99
C THR A 255 -21.16 3.36 22.96
N TYR A 256 -21.27 2.92 21.71
CA TYR A 256 -20.47 3.48 20.63
C TYR A 256 -21.09 4.77 20.10
N HIS A 257 -22.28 4.66 19.53
CA HIS A 257 -23.06 5.80 19.06
C HIS A 257 -24.51 5.67 19.51
N GLY A 258 -24.68 5.34 20.79
CA GLY A 258 -26.00 5.04 21.31
C GLY A 258 -26.42 3.60 21.13
N GLN A 259 -25.48 2.69 20.93
CA GLN A 259 -25.77 1.29 20.68
C GLN A 259 -24.91 0.42 21.59
N GLU A 260 -25.38 -0.80 21.80
CA GLU A 260 -24.59 -1.80 22.53
C GLU A 260 -23.59 -2.44 21.57
N VAL A 261 -22.35 -2.55 21.99
CA VAL A 261 -21.26 -3.02 21.14
C VAL A 261 -20.62 -4.25 21.78
N GLU A 262 -20.45 -5.29 20.98
CA GLU A 262 -19.79 -6.51 21.45
C GLU A 262 -18.28 -6.46 21.24
N GLY A 263 -17.84 -5.96 20.09
CA GLY A 263 -16.42 -5.90 19.81
C GLY A 263 -16.13 -4.99 18.64
N PHE A 264 -14.84 -4.65 18.52
CA PHE A 264 -14.32 -3.82 17.44
C PHE A 264 -13.23 -4.56 16.69
N VAL A 265 -13.24 -4.44 15.37
CA VAL A 265 -12.16 -4.94 14.53
C VAL A 265 -11.33 -3.74 14.10
N ILE A 266 -10.05 -3.76 14.43
CA ILE A 266 -9.16 -2.62 14.20
C ILE A 266 -8.10 -3.04 13.20
N ARG A 267 -8.05 -2.31 12.09
CA ARG A 267 -7.09 -2.52 11.02
C ARG A 267 -6.00 -1.47 11.11
N CYS A 268 -4.76 -1.87 10.87
CA CYS A 268 -3.63 -0.95 10.88
C CYS A 268 -2.55 -1.50 9.96
N LYS A 269 -1.42 -0.81 9.92
CA LYS A 269 -0.26 -1.26 9.17
C LYS A 269 0.93 -1.38 10.11
N THR A 270 1.61 -2.52 10.05
CA THR A 270 2.80 -2.72 10.86
C THR A 270 3.86 -1.70 10.49
N ARG A 271 4.59 -1.23 11.51
CA ARG A 271 5.60 -0.20 11.25
C ARG A 271 6.72 -0.73 10.36
N GLU A 272 7.13 -1.98 10.57
CA GLU A 272 8.13 -2.61 9.72
C GLU A 272 7.46 -3.16 8.46
N ASN A 273 7.92 -2.70 7.30
CA ASN A 273 7.49 -3.10 5.96
C ASN A 273 6.07 -2.64 5.61
N GLY A 274 5.36 -2.00 6.53
CA GLY A 274 4.06 -1.41 6.22
C GLY A 274 3.00 -2.38 5.71
N ASN A 275 2.84 -3.50 6.39
CA ASN A 275 1.89 -4.54 6.00
C ASN A 275 0.62 -4.44 6.84
N ASP A 276 -0.50 -4.86 6.23
CA ASP A 276 -1.78 -4.81 6.91
C ASP A 276 -1.80 -5.79 8.09
N PHE A 277 -2.46 -5.39 9.17
CA PHE A 277 -2.58 -6.22 10.36
C PHE A 277 -3.87 -5.85 11.10
N PHE A 278 -4.67 -6.85 11.44
CA PHE A 278 -5.90 -6.66 12.17
C PHE A 278 -5.78 -7.17 13.59
N PHE A 279 -6.62 -6.63 14.48
CA PHE A 279 -6.77 -7.18 15.82
C PHE A 279 -8.14 -6.82 16.37
N LYS A 280 -8.65 -7.68 17.24
CA LYS A 280 -9.98 -7.50 17.81
C LYS A 280 -9.87 -6.96 19.23
N TYR A 281 -10.73 -6.00 19.57
CA TYR A 281 -10.93 -5.58 20.95
C TYR A 281 -12.35 -5.97 21.34
N LYS A 282 -12.47 -6.95 22.23
CA LYS A 282 -13.77 -7.46 22.64
C LYS A 282 -14.11 -6.94 24.03
N PHE A 283 -15.31 -6.39 24.17
CA PHE A 283 -15.82 -5.97 25.46
C PHE A 283 -16.42 -7.18 26.16
N GLU A 284 -15.74 -7.64 27.23
CA GLU A 284 -16.18 -8.85 27.92
C GLU A 284 -17.53 -8.66 28.58
N GLU A 285 -17.76 -7.50 29.19
CA GLU A 285 -19.04 -7.18 29.79
C GLU A 285 -19.72 -6.05 29.01
N PRO A 286 -21.06 -6.01 29.01
CA PRO A 286 -22.00 -6.91 29.70
C PRO A 286 -22.33 -8.16 28.88
N TYR A 287 -21.46 -8.54 27.94
CA TYR A 287 -21.73 -9.72 27.12
C TYR A 287 -21.80 -10.99 27.96
N LEU A 288 -20.89 -11.12 28.93
CA LEU A 288 -20.83 -12.34 29.74
C LEU A 288 -22.09 -12.51 30.58
N MET A 289 -22.50 -11.44 31.27
CA MET A 289 -23.68 -11.52 32.13
C MET A 289 -24.93 -11.84 31.32
N TYR A 290 -25.10 -11.18 30.17
CA TYR A 290 -26.26 -11.43 29.32
C TYR A 290 -26.26 -12.85 28.77
N ARG A 291 -25.09 -13.34 28.36
CA ARG A 291 -25.02 -14.71 27.84
C ARG A 291 -25.31 -15.73 28.93
N GLN A 292 -24.87 -15.46 30.16
CA GLN A 292 -25.21 -16.33 31.28
C GLN A 292 -26.72 -16.34 31.52
N TRP A 293 -27.35 -15.16 31.45
CA TRP A 293 -28.81 -15.10 31.57
C TRP A 293 -29.48 -15.94 30.49
N ARG A 294 -29.00 -15.83 29.25
CA ARG A 294 -29.59 -16.60 28.16
C ARG A 294 -29.41 -18.10 28.38
N GLU A 295 -28.23 -18.52 28.84
CA GLU A 295 -27.98 -19.93 29.06
C GLU A 295 -28.88 -20.49 30.17
N VAL A 296 -29.01 -19.75 31.28
CA VAL A 296 -29.87 -20.26 32.35
C VAL A 296 -31.33 -20.24 31.92
N THR A 297 -31.71 -19.30 31.05
CA THR A 297 -33.06 -19.28 30.50
C THR A 297 -33.33 -20.53 29.67
N LYS A 298 -32.39 -20.88 28.78
CA LYS A 298 -32.54 -22.07 27.96
C LYS A 298 -32.57 -23.33 28.83
N ASP A 299 -31.74 -23.36 29.87
CA ASP A 299 -31.73 -24.50 30.78
C ASP A 299 -33.05 -24.66 31.51
N TYR A 300 -33.63 -23.55 31.97
CA TYR A 300 -34.95 -23.65 32.61
C TYR A 300 -36.01 -24.10 31.62
N ILE A 301 -36.01 -23.55 30.41
CA ILE A 301 -37.04 -23.92 29.44
C ILE A 301 -36.93 -25.40 29.08
N SER A 302 -35.71 -25.91 28.99
CA SER A 302 -35.52 -27.30 28.60
C SER A 302 -35.64 -28.28 29.77
N THR A 303 -35.45 -27.82 31.02
CA THR A 303 -35.47 -28.71 32.17
C THR A 303 -36.32 -28.24 33.34
N LYS A 304 -36.76 -26.99 33.36
CA LYS A 304 -37.41 -26.38 34.53
C LYS A 304 -36.50 -26.50 35.77
N SER A 305 -35.21 -26.26 35.57
CA SER A 305 -34.22 -26.30 36.64
C SER A 305 -33.48 -24.96 36.67
N ARG A 306 -33.55 -24.27 37.80
CA ARG A 306 -32.97 -22.94 37.93
C ARG A 306 -31.68 -22.94 38.75
N VAL A 307 -30.99 -24.07 38.82
CA VAL A 307 -29.68 -24.13 39.44
C VAL A 307 -28.63 -23.93 38.36
N PHE A 308 -27.65 -23.06 38.64
CA PHE A 308 -26.63 -22.72 37.67
C PHE A 308 -25.26 -22.86 38.32
N LYS A 309 -24.25 -23.09 37.47
CA LYS A 309 -22.89 -23.37 37.91
C LYS A 309 -21.99 -22.14 37.91
N PHE A 310 -22.53 -20.95 37.64
CA PHE A 310 -21.70 -19.76 37.51
C PHE A 310 -21.19 -19.28 38.86
N LYS A 311 -20.10 -18.53 38.82
CA LYS A 311 -19.57 -17.84 40.00
C LYS A 311 -19.70 -16.33 39.91
N LYS A 312 -20.00 -15.79 38.73
CA LYS A 312 -20.05 -14.36 38.50
C LYS A 312 -21.49 -13.92 38.22
N HIS A 313 -21.86 -12.75 38.74
CA HIS A 313 -23.20 -12.19 38.58
C HIS A 313 -24.27 -13.13 39.15
N LYS A 314 -23.95 -13.81 40.24
CA LYS A 314 -24.86 -14.81 40.79
C LYS A 314 -26.14 -14.17 41.32
N PHE A 315 -26.02 -13.07 42.07
CA PHE A 315 -27.19 -12.42 42.66
C PHE A 315 -28.11 -11.87 41.57
N ILE A 316 -27.55 -11.18 40.58
CA ILE A 316 -28.37 -10.61 39.53
C ILE A 316 -28.98 -11.71 38.67
N THR A 317 -28.25 -12.82 38.47
CA THR A 317 -28.83 -13.94 37.73
C THR A 317 -29.99 -14.57 38.49
N ASN A 318 -29.87 -14.69 39.81
CA ASN A 318 -30.99 -15.21 40.60
C ASN A 318 -32.19 -14.28 40.56
N LYS A 319 -31.96 -12.96 40.62
CA LYS A 319 -33.07 -12.01 40.50
C LYS A 319 -33.73 -12.12 39.12
N TYR A 320 -32.91 -12.27 38.07
CA TYR A 320 -33.42 -12.46 36.73
C TYR A 320 -34.29 -13.71 36.65
N LEU A 321 -33.83 -14.81 37.26
CA LEU A 321 -34.63 -16.03 37.27
C LEU A 321 -35.94 -15.82 38.01
N ASP A 322 -35.89 -15.12 39.16
CA ASP A 322 -37.10 -14.83 39.90
C ASP A 322 -38.10 -14.07 39.03
N PHE A 323 -37.62 -13.10 38.26
CA PHE A 323 -38.52 -12.30 37.43
C PHE A 323 -39.03 -13.09 36.23
N VAL A 324 -38.19 -13.94 35.64
CA VAL A 324 -38.48 -14.50 34.33
C VAL A 324 -39.20 -15.84 34.40
N ILE A 325 -38.89 -16.66 35.40
CA ILE A 325 -39.51 -17.99 35.51
C ILE A 325 -41.04 -17.92 35.47
N PRO A 326 -41.72 -17.02 36.20
CA PRO A 326 -43.17 -16.93 36.02
C PRO A 326 -43.57 -16.57 34.59
N ILE A 327 -42.79 -15.73 33.91
CA ILE A 327 -43.11 -15.37 32.54
C ILE A 327 -42.99 -16.59 31.63
N LEU A 328 -41.92 -17.37 31.78
CA LEU A 328 -41.73 -18.55 30.95
C LEU A 328 -42.77 -19.62 31.23
N ASP A 329 -43.13 -19.80 32.50
CA ASP A 329 -44.11 -20.82 32.85
C ASP A 329 -45.46 -20.54 32.20
N SER A 330 -45.85 -19.27 32.16
CA SER A 330 -47.19 -18.88 31.73
C SER A 330 -47.25 -18.38 30.30
N SER A 331 -46.14 -18.37 29.56
CA SER A 331 -46.11 -17.95 28.16
C SER A 331 -45.35 -19.00 27.35
N PRO A 332 -46.00 -20.10 26.99
CA PRO A 332 -45.31 -21.13 26.19
C PRO A 332 -44.83 -20.63 24.85
N ALA A 333 -45.47 -19.60 24.29
CA ALA A 333 -45.02 -19.04 23.01
C ALA A 333 -43.65 -18.40 23.13
N LEU A 334 -43.41 -17.66 24.22
CA LEU A 334 -42.11 -17.02 24.41
C LEU A 334 -41.00 -18.05 24.54
N CYS A 335 -41.30 -19.20 25.16
CA CYS A 335 -40.28 -20.24 25.32
C CYS A 335 -39.82 -20.77 23.96
N GLU A 336 -40.75 -21.00 23.04
CA GLU A 336 -40.39 -21.53 21.73
C GLU A 336 -39.48 -20.56 20.99
N GLU A 337 -39.87 -19.28 20.94
CA GLU A 337 -39.05 -18.29 20.25
C GLU A 337 -37.71 -18.12 20.92
N TYR A 338 -37.68 -18.15 22.26
CA TYR A 338 -36.41 -18.00 22.97
C TYR A 338 -35.48 -19.17 22.65
N MET A 339 -36.01 -20.39 22.62
CA MET A 339 -35.19 -21.54 22.27
C MET A 339 -34.70 -21.44 20.82
N LYS A 340 -35.55 -20.94 19.93
CA LYS A 340 -35.15 -20.70 18.56
C LYS A 340 -34.22 -19.49 18.42
N GLY A 341 -34.02 -18.72 19.48
CA GLY A 341 -33.11 -17.61 19.47
C GLY A 341 -33.72 -16.25 19.25
N PHE A 342 -34.96 -16.03 19.70
CA PHE A 342 -35.65 -14.77 19.49
C PHE A 342 -36.23 -14.29 20.81
N GLY A 343 -36.32 -12.97 20.95
CA GLY A 343 -36.83 -12.39 22.17
C GLY A 343 -35.84 -12.36 23.31
N ILE A 344 -34.59 -12.78 23.08
CA ILE A 344 -33.58 -12.75 24.12
C ILE A 344 -33.34 -11.32 24.59
N ILE A 345 -33.14 -10.41 23.63
CA ILE A 345 -32.85 -9.02 23.96
C ILE A 345 -34.05 -8.36 24.62
N LYS A 346 -35.26 -8.63 24.11
CA LYS A 346 -36.45 -8.00 24.68
C LYS A 346 -36.69 -8.45 26.12
N LEU A 347 -36.57 -9.75 26.39
CA LEU A 347 -36.73 -10.24 27.75
C LEU A 347 -35.63 -9.70 28.66
N ARG A 348 -34.40 -9.61 28.15
CA ARG A 348 -33.31 -9.03 28.92
C ARG A 348 -33.63 -7.61 29.33
N ASN A 349 -34.10 -6.80 28.39
CA ASN A 349 -34.41 -5.41 28.71
C ASN A 349 -35.65 -5.31 29.59
N GLU A 350 -36.58 -6.25 29.49
CA GLU A 350 -37.71 -6.29 30.41
C GLU A 350 -37.22 -6.47 31.84
N PHE A 351 -36.29 -7.40 32.05
CA PHE A 351 -35.73 -7.57 33.39
C PHE A 351 -34.96 -6.33 33.82
N LEU A 352 -34.16 -5.75 32.92
CA LEU A 352 -33.40 -4.56 33.28
C LEU A 352 -34.32 -3.40 33.66
N LYS A 353 -35.52 -3.36 33.07
CA LYS A 353 -36.50 -2.35 33.46
C LYS A 353 -37.12 -2.68 34.81
N ASP A 354 -37.42 -3.95 35.07
CA ASP A 354 -37.98 -4.34 36.36
C ASP A 354 -36.99 -4.07 37.49
N PHE A 355 -35.71 -4.37 37.29
CA PHE A 355 -34.72 -4.14 38.32
C PHE A 355 -34.43 -2.66 38.53
N GLY A 356 -34.80 -1.81 37.56
CA GLY A 356 -34.66 -0.38 37.71
C GLY A 356 -33.29 0.18 37.40
N MET A 357 -32.36 -0.64 36.90
CA MET A 357 -31.01 -0.18 36.60
C MET A 357 -30.61 -0.63 35.20
N SER A 358 -29.76 0.17 34.57
CA SER A 358 -29.14 -0.24 33.32
C SER A 358 -28.12 -1.35 33.58
N GLY A 359 -27.78 -2.07 32.51
CA GLY A 359 -26.80 -3.14 32.65
C GLY A 359 -25.46 -2.64 33.16
N LEU A 360 -24.99 -1.51 32.61
CA LEU A 360 -23.76 -0.92 33.10
C LEU A 360 -23.92 -0.43 34.53
N GLU A 361 -25.06 0.17 34.86
CA GLU A 361 -25.30 0.60 36.24
C GLU A 361 -25.37 -0.59 37.18
N ILE A 362 -25.88 -1.73 36.70
CA ILE A 362 -25.84 -2.96 37.49
C ILE A 362 -24.40 -3.38 37.72
N LEU A 363 -23.58 -3.34 36.68
CA LEU A 363 -22.19 -3.79 36.80
C LEU A 363 -21.38 -2.90 37.73
N ASN A 364 -21.63 -1.58 37.70
CA ASN A 364 -20.87 -0.64 38.52
C ASN A 364 -21.03 -0.97 40.00
N HIS A 365 -22.24 -0.87 40.52
CA HIS A 365 -22.51 -1.14 41.93
C HIS A 365 -23.04 -2.56 42.06
N GLU A 366 -22.17 -3.52 41.80
CA GLU A 366 -22.53 -4.94 41.87
C GLU A 366 -21.97 -5.62 43.11
N LYS A 367 -20.66 -5.52 43.36
CA LYS A 367 -20.13 -6.01 44.62
C LYS A 367 -20.76 -5.28 45.80
N VAL A 368 -20.97 -3.98 45.65
CA VAL A 368 -21.68 -3.21 46.67
C VAL A 368 -23.07 -3.80 46.92
N LEU A 369 -23.84 -4.00 45.85
CA LEU A 369 -25.20 -4.47 46.01
C LEU A 369 -25.26 -5.94 46.41
N GLU A 370 -24.36 -6.77 45.87
CA GLU A 370 -24.35 -8.18 46.25
C GLU A 370 -24.01 -8.35 47.73
N LEU A 371 -22.97 -7.65 48.19
CA LEU A 371 -22.61 -7.73 49.60
C LEU A 371 -23.71 -7.14 50.48
N GLU A 372 -24.36 -6.06 50.00
CA GLU A 372 -25.44 -5.44 50.78
C GLU A 372 -26.63 -6.37 50.92
N ASN A 373 -27.03 -7.06 49.83
CA ASN A 373 -28.16 -7.97 49.91
C ASN A 373 -27.82 -9.24 50.66
N ALA A 374 -26.55 -9.66 50.63
CA ALA A 374 -26.14 -10.80 51.44
C ALA A 374 -26.13 -10.45 52.93
N ASN A 375 -25.73 -9.22 53.25
CA ASN A 375 -25.67 -8.81 54.66
C ASN A 375 -27.04 -8.79 55.31
N LYS A 376 -28.06 -8.32 54.58
CA LYS A 376 -29.42 -8.26 55.11
C LYS A 376 -29.98 -9.65 55.38
N MET B 1 14.48 -14.71 14.37
CA MET B 1 13.97 -13.50 15.01
C MET B 1 13.66 -12.42 13.98
N ASN B 2 14.47 -12.37 12.91
CA ASN B 2 14.25 -11.47 11.78
C ASN B 2 14.39 -12.28 10.50
N LEU B 3 13.28 -12.86 10.06
CA LEU B 3 13.21 -13.53 8.76
C LEU B 3 12.56 -12.66 7.70
N SER B 4 11.90 -11.58 8.10
CA SER B 4 11.28 -10.65 7.16
C SER B 4 12.31 -9.84 6.37
N ARG B 5 13.58 -9.89 6.76
CA ARG B 5 14.64 -9.16 6.07
C ARG B 5 15.65 -10.10 5.40
N ASN B 6 15.40 -11.41 5.42
CA ASN B 6 16.29 -12.37 4.80
C ASN B 6 15.99 -12.46 3.30
N VAL B 7 17.04 -12.38 2.48
CA VAL B 7 16.88 -12.24 1.03
C VAL B 7 17.76 -13.25 0.29
N LYS B 8 18.06 -14.36 0.96
CA LYS B 8 19.02 -15.34 0.42
C LYS B 8 18.63 -15.82 -0.98
N ASP B 9 17.33 -16.03 -1.23
CA ASP B 9 16.89 -16.52 -2.52
C ASP B 9 17.23 -15.50 -3.63
N LEU B 10 16.96 -14.23 -3.37
CA LEU B 10 17.27 -13.20 -4.37
C LEU B 10 18.76 -13.08 -4.59
N VAL B 11 19.56 -13.20 -3.53
CA VAL B 11 21.01 -13.14 -3.69
C VAL B 11 21.49 -14.29 -4.55
N GLU B 12 20.95 -15.49 -4.33
CA GLU B 12 21.30 -16.63 -5.18
C GLU B 12 20.92 -16.37 -6.63
N LYS B 13 19.73 -15.81 -6.85
CA LYS B 13 19.30 -15.50 -8.20
C LYS B 13 20.23 -14.50 -8.88
N LEU B 14 20.66 -13.47 -8.13
CA LEU B 14 21.55 -12.46 -8.69
C LEU B 14 22.94 -13.03 -8.98
N GLU B 15 23.42 -13.93 -8.11
CA GLU B 15 24.69 -14.58 -8.38
C GLU B 15 24.60 -15.45 -9.63
N ALA B 16 23.48 -16.15 -9.82
CA ALA B 16 23.27 -16.89 -11.05
C ALA B 16 23.24 -15.96 -12.25
N ALA B 17 22.58 -14.81 -12.11
CA ALA B 17 22.46 -13.87 -13.22
C ALA B 17 23.80 -13.25 -13.60
N SER B 18 24.70 -13.09 -12.63
CA SER B 18 26.04 -12.61 -12.96
C SER B 18 26.78 -13.59 -13.85
N GLN B 19 26.46 -14.88 -13.75
CA GLN B 19 27.08 -15.91 -14.59
C GLN B 19 26.22 -16.17 -15.83
N LEU B 20 25.98 -15.09 -16.59
CA LEU B 20 25.24 -15.16 -17.83
C LEU B 20 26.02 -14.44 -18.92
N PRO B 21 25.98 -14.94 -20.16
CA PRO B 21 26.89 -14.41 -21.19
C PRO B 21 26.68 -12.94 -21.55
N GLY B 22 25.50 -12.60 -22.07
CA GLY B 22 25.27 -11.22 -22.47
C GLY B 22 24.01 -10.57 -21.92
N ARG B 23 23.00 -11.39 -21.64
CA ARG B 23 21.68 -10.89 -21.24
C ARG B 23 21.35 -11.43 -19.86
N GLY B 24 20.66 -10.60 -19.07
CA GLY B 24 20.52 -10.90 -17.67
C GLY B 24 21.81 -10.77 -16.89
N LYS B 25 22.77 -10.03 -17.44
CA LYS B 25 24.10 -9.92 -16.84
C LYS B 25 24.01 -9.02 -15.61
N ALA B 26 23.89 -9.63 -14.44
CA ALA B 26 23.89 -8.87 -13.20
C ALA B 26 25.27 -8.30 -12.93
N ILE B 27 25.31 -7.05 -12.46
CA ILE B 27 26.55 -6.35 -12.18
C ILE B 27 26.60 -6.10 -10.67
N LYS B 28 27.66 -6.58 -10.04
CA LYS B 28 27.84 -6.44 -8.60
C LYS B 28 29.15 -5.72 -8.30
N ARG B 29 29.09 -4.76 -7.39
CA ARG B 29 30.28 -4.04 -6.93
C ARG B 29 30.33 -4.09 -5.41
N ILE B 30 31.50 -4.49 -4.88
CA ILE B 30 31.66 -4.66 -3.44
C ILE B 30 32.10 -3.30 -2.88
N CYS B 31 31.12 -2.51 -2.44
CA CYS B 31 31.41 -1.22 -1.86
C CYS B 31 31.69 -1.36 -0.36
N LYS B 32 32.40 -0.37 0.17
CA LYS B 32 32.76 -0.35 1.59
C LYS B 32 31.87 0.66 2.30
N LEU B 33 31.22 0.22 3.38
CA LEU B 33 30.38 1.12 4.15
C LEU B 33 31.26 2.18 4.83
N SER B 34 30.85 3.44 4.74
CA SER B 34 31.69 4.54 5.20
C SER B 34 31.90 4.49 6.71
N ASN B 35 30.84 4.21 7.48
CA ASN B 35 30.85 4.37 8.93
C ASN B 35 30.94 3.03 9.67
N SER B 36 31.40 1.98 9.00
CA SER B 36 31.57 0.69 9.64
C SER B 36 32.59 -0.13 8.86
N ASP B 37 33.16 -1.13 9.52
CA ASP B 37 34.03 -2.08 8.85
C ASP B 37 33.27 -2.95 7.86
N GLY B 38 31.94 -2.97 7.93
CA GLY B 38 31.18 -3.79 7.02
C GLY B 38 31.23 -3.30 5.59
N GLN B 39 31.04 -4.22 4.66
CA GLN B 39 30.98 -3.94 3.24
C GLN B 39 29.63 -4.39 2.69
N VAL B 40 29.16 -3.70 1.66
CA VAL B 40 27.87 -4.00 1.05
C VAL B 40 28.09 -4.32 -0.42
N VAL B 41 27.05 -4.87 -1.05
CA VAL B 41 27.09 -5.22 -2.47
C VAL B 41 26.06 -4.36 -3.19
N SER B 42 26.53 -3.59 -4.17
CA SER B 42 25.66 -2.80 -5.04
C SER B 42 25.37 -3.62 -6.29
N TRP B 43 24.09 -3.83 -6.57
CA TRP B 43 23.65 -4.63 -7.70
C TRP B 43 22.96 -3.75 -8.73
N LYS B 44 23.14 -4.11 -10.00
CA LYS B 44 22.57 -3.35 -11.10
C LYS B 44 22.47 -4.26 -12.32
N PHE B 45 21.83 -3.73 -13.37
CA PHE B 45 21.72 -4.43 -14.64
C PHE B 45 21.98 -3.44 -15.76
N ASN B 46 22.25 -3.99 -16.94
CA ASN B 46 22.38 -3.15 -18.14
C ASN B 46 21.10 -2.36 -18.34
N GLU B 47 21.24 -1.05 -18.53
CA GLU B 47 20.07 -0.18 -18.57
C GLU B 47 19.16 -0.50 -19.75
N TRP B 48 19.68 -1.15 -20.79
CA TRP B 48 18.85 -1.59 -21.90
C TRP B 48 18.13 -2.90 -21.60
N ASP B 49 18.56 -3.65 -20.60
CA ASP B 49 17.89 -4.89 -20.21
C ASP B 49 16.67 -4.63 -19.33
N TYR B 50 16.51 -3.43 -18.80
CA TYR B 50 15.35 -3.10 -17.99
C TYR B 50 14.13 -2.90 -18.87
N GLY B 51 12.98 -3.39 -18.40
CA GLY B 51 11.72 -3.22 -19.08
C GLY B 51 11.46 -4.17 -20.23
N LYS B 52 12.40 -5.06 -20.54
CA LYS B 52 12.22 -6.01 -21.62
C LYS B 52 11.41 -7.19 -21.12
N ASN B 53 10.20 -7.37 -21.67
CA ASN B 53 9.36 -8.48 -21.26
C ASN B 53 10.00 -9.82 -21.58
N ASN B 54 10.92 -9.86 -22.55
CA ASN B 54 11.64 -11.09 -22.86
C ASN B 54 12.78 -11.37 -21.88
N ILE B 55 13.05 -10.45 -20.96
CA ILE B 55 14.09 -10.61 -19.95
C ILE B 55 13.44 -10.51 -18.59
N LYS B 56 13.46 -11.61 -17.84
CA LYS B 56 12.83 -11.68 -16.52
C LYS B 56 13.84 -11.23 -15.48
N LEU B 57 13.69 -10.00 -14.99
CA LEU B 57 14.63 -9.43 -14.03
C LEU B 57 14.26 -9.89 -12.61
N PRO B 58 15.22 -10.40 -11.84
CA PRO B 58 14.92 -10.75 -10.44
C PRO B 58 14.49 -9.57 -9.60
N CYS B 59 14.98 -8.37 -9.91
CA CYS B 59 14.59 -7.17 -9.18
C CYS B 59 14.79 -5.97 -10.10
N CYS B 60 13.76 -5.14 -10.21
CA CYS B 60 13.75 -4.03 -11.16
C CYS B 60 14.22 -2.72 -10.54
N ALA B 61 14.73 -2.74 -9.31
CA ALA B 61 15.13 -1.51 -8.65
C ALA B 61 16.30 -0.85 -9.37
N ARG B 62 16.15 0.44 -9.66
CA ARG B 62 17.26 1.25 -10.18
C ARG B 62 18.04 1.73 -8.96
N GLY B 63 19.04 0.93 -8.58
CA GLY B 63 19.80 1.20 -7.37
C GLY B 63 19.44 0.23 -6.26
N LEU B 64 20.38 -0.63 -5.90
CA LEU B 64 20.11 -1.68 -4.92
C LEU B 64 21.39 -2.00 -4.17
N PHE B 65 21.33 -1.95 -2.83
CA PHE B 65 22.46 -2.25 -1.98
C PHE B 65 22.04 -3.26 -0.92
N ILE B 66 22.79 -4.36 -0.82
CA ILE B 66 22.46 -5.48 0.05
C ILE B 66 23.64 -5.74 0.99
N THR B 67 23.33 -6.28 2.17
CA THR B 67 24.38 -6.64 3.12
C THR B 67 25.20 -7.81 2.61
N ASP B 68 26.45 -7.86 3.05
CA ASP B 68 27.38 -8.93 2.67
C ASP B 68 27.40 -10.00 3.77
N ASP B 69 26.28 -10.72 3.88
CA ASP B 69 26.15 -11.85 4.77
C ASP B 69 26.09 -13.16 3.97
N SER B 70 26.16 -14.26 4.69
CA SER B 70 26.08 -15.59 4.08
C SER B 70 24.75 -16.29 4.30
N LYS B 71 24.14 -16.10 5.46
CA LYS B 71 22.89 -16.76 5.79
C LYS B 71 21.72 -15.82 5.97
N ASN B 72 21.94 -14.61 6.47
CA ASN B 72 20.88 -13.63 6.70
C ASN B 72 21.28 -12.27 6.14
N PRO B 73 21.30 -12.11 4.82
CA PRO B 73 21.55 -10.79 4.24
C PRO B 73 20.27 -9.97 4.18
N GLN B 74 20.40 -8.69 4.52
CA GLN B 74 19.28 -7.76 4.47
C GLN B 74 19.53 -6.71 3.39
N ILE B 75 18.46 -6.08 2.94
CA ILE B 75 18.55 -5.02 1.95
C ILE B 75 18.89 -3.73 2.67
N VAL B 76 20.10 -3.21 2.45
CA VAL B 76 20.49 -1.96 3.08
C VAL B 76 19.72 -0.80 2.46
N ALA B 77 19.60 -0.78 1.13
CA ALA B 77 18.94 0.35 0.48
C ALA B 77 18.39 -0.07 -0.87
N ARG B 78 17.29 0.56 -1.27
CA ARG B 78 16.65 0.26 -2.54
C ARG B 78 16.01 1.54 -3.09
N GLY B 79 16.19 1.78 -4.38
CA GLY B 79 15.60 2.91 -5.06
C GLY B 79 14.31 2.56 -5.77
N TYR B 80 13.87 3.49 -6.62
CA TYR B 80 12.73 3.23 -7.47
C TYR B 80 13.04 2.14 -8.48
N ASP B 81 11.99 1.58 -9.07
CA ASP B 81 12.18 0.74 -10.25
C ASP B 81 12.48 1.61 -11.46
N LYS B 82 13.09 1.00 -12.47
CA LYS B 82 13.34 1.69 -13.72
C LYS B 82 12.01 2.00 -14.40
N PHE B 83 11.72 3.29 -14.62
CA PHE B 83 10.49 3.71 -15.26
C PHE B 83 10.80 4.53 -16.50
N PHE B 84 9.91 4.43 -17.49
CA PHE B 84 10.18 4.90 -18.84
C PHE B 84 9.17 5.97 -19.24
N ASN B 85 9.50 6.66 -20.33
CA ASN B 85 8.64 7.71 -20.85
C ASN B 85 7.42 7.11 -21.55
N ILE B 86 6.47 7.97 -21.88
CA ILE B 86 5.25 7.52 -22.56
C ILE B 86 5.61 6.99 -23.94
N ASP B 87 5.00 5.87 -24.30
CA ASP B 87 5.18 5.18 -25.59
C ASP B 87 6.57 4.60 -25.78
N GLU B 88 7.41 4.61 -24.74
CA GLU B 88 8.74 4.02 -24.86
C GLU B 88 8.68 2.50 -24.78
N THR B 89 7.79 1.96 -23.97
CA THR B 89 7.61 0.54 -23.77
C THR B 89 6.14 0.19 -23.94
N PRO B 90 5.81 -1.08 -24.22
CA PRO B 90 4.39 -1.44 -24.38
C PRO B 90 3.52 -1.10 -23.18
N PHE B 91 4.05 -1.22 -21.97
CA PHE B 91 3.28 -0.90 -20.78
C PHE B 91 3.22 0.59 -20.48
N THR B 92 3.98 1.42 -21.21
CA THR B 92 3.94 2.86 -21.05
C THR B 92 3.22 3.55 -22.21
N ARG B 93 2.59 2.81 -23.11
CA ARG B 93 1.79 3.43 -24.16
C ARG B 93 0.57 4.11 -23.55
N TRP B 94 0.11 5.16 -24.22
CA TRP B 94 -0.94 6.00 -23.64
C TRP B 94 -2.23 5.23 -23.43
N ASP B 95 -2.63 4.41 -24.42
CA ASP B 95 -3.84 3.60 -24.26
C ASP B 95 -3.66 2.54 -23.18
N THR B 96 -2.49 1.89 -23.15
CA THR B 96 -2.23 0.89 -22.11
C THR B 96 -2.20 1.53 -20.73
N LEU B 97 -1.60 2.73 -20.63
CA LEU B 97 -1.62 3.45 -19.36
C LEU B 97 -3.05 3.79 -18.93
N GLU B 98 -3.88 4.23 -19.87
CA GLU B 98 -5.27 4.55 -19.53
C GLU B 98 -6.02 3.32 -19.07
N SER B 99 -5.79 2.18 -19.71
CA SER B 99 -6.56 0.98 -19.39
C SER B 99 -6.08 0.33 -18.10
N ASP B 100 -4.78 0.06 -17.99
CA ASP B 100 -4.25 -0.82 -16.95
C ASP B 100 -3.77 -0.08 -15.71
N THR B 101 -3.94 1.22 -15.63
CA THR B 101 -3.60 1.98 -14.43
C THR B 101 -4.85 2.60 -13.83
N LYS B 102 -4.71 3.12 -12.61
CA LYS B 102 -5.82 3.74 -11.90
C LYS B 102 -5.29 4.85 -11.03
N GLY B 103 -6.20 5.70 -10.58
CA GLY B 103 -5.83 6.82 -9.73
C GLY B 103 -5.44 6.38 -8.33
N THR B 104 -4.95 7.34 -7.56
CA THR B 104 -4.83 8.72 -8.00
C THR B 104 -3.47 8.98 -8.63
N TYR B 105 -3.47 9.60 -9.80
CA TYR B 105 -2.23 9.91 -10.51
C TYR B 105 -1.58 11.14 -9.90
N ASN B 106 -0.31 11.01 -9.52
CA ASN B 106 0.44 12.09 -8.88
C ASN B 106 1.58 12.53 -9.79
N VAL B 107 1.63 13.82 -10.11
CA VAL B 107 2.60 14.38 -11.04
C VAL B 107 3.59 15.23 -10.28
N THR B 108 4.88 14.96 -10.47
CA THR B 108 5.97 15.73 -9.90
C THR B 108 6.92 16.13 -11.01
N LEU B 109 7.81 17.07 -10.70
CA LEU B 109 8.81 17.51 -11.66
C LEU B 109 10.02 16.59 -11.64
N LYS B 110 10.66 16.45 -12.82
CA LYS B 110 11.86 15.64 -12.91
C LYS B 110 12.97 16.25 -12.08
N ALA B 111 13.70 15.39 -11.37
CA ALA B 111 14.73 15.81 -10.42
C ALA B 111 16.01 16.13 -11.19
N ASN B 112 16.25 17.42 -11.45
CA ASN B 112 17.46 17.84 -12.14
C ASN B 112 18.68 17.87 -11.23
N GLY B 113 18.49 17.71 -9.92
CA GLY B 113 19.60 17.63 -8.99
C GLY B 113 20.13 16.20 -8.87
N CYS B 114 21.05 16.03 -7.93
CA CYS B 114 21.58 14.71 -7.64
C CYS B 114 20.60 13.91 -6.79
N ILE B 115 20.67 12.59 -6.91
CA ILE B 115 19.77 11.68 -6.20
C ILE B 115 20.59 10.84 -5.23
N ILE B 116 20.13 10.78 -3.98
CA ILE B 116 20.80 9.99 -2.94
C ILE B 116 19.78 9.18 -2.17
N PHE B 117 20.25 8.05 -1.63
CA PHE B 117 19.44 7.12 -0.85
C PHE B 117 19.93 7.15 0.59
N VAL B 118 19.04 7.45 1.52
CA VAL B 118 19.36 7.49 2.95
C VAL B 118 18.62 6.35 3.62
N SER B 119 19.37 5.46 4.27
CA SER B 119 18.79 4.29 4.89
C SER B 119 19.42 4.09 6.26
N GLY B 120 18.80 3.23 7.07
CA GLY B 120 19.28 2.90 8.38
C GLY B 120 19.82 1.48 8.46
N MET B 121 20.49 1.20 9.57
CA MET B 121 21.00 -0.13 9.87
C MET B 121 20.77 -0.44 11.33
N ALA B 122 20.96 -1.72 11.70
CA ALA B 122 20.62 -2.16 13.04
C ALA B 122 21.45 -1.44 14.10
N ASP B 123 22.75 -1.27 13.85
CA ASP B 123 23.62 -0.67 14.84
C ASP B 123 23.55 0.86 14.80
N GLY B 124 22.33 1.40 14.83
CA GLY B 124 22.10 2.83 14.83
C GLY B 124 22.86 3.60 13.77
N THR B 125 23.24 2.93 12.70
CA THR B 125 24.13 3.49 11.69
C THR B 125 23.33 3.97 10.49
N LEU B 126 23.68 5.16 10.01
CA LEU B 126 23.05 5.76 8.84
C LEU B 126 23.92 5.52 7.60
N VAL B 127 23.28 5.14 6.50
CA VAL B 127 23.98 4.83 5.25
C VAL B 127 23.41 5.72 4.16
N VAL B 128 24.28 6.54 3.57
CA VAL B 128 23.91 7.42 2.47
C VAL B 128 24.66 6.94 1.23
N CYS B 129 23.91 6.67 0.16
CA CYS B 129 24.45 6.12 -1.08
C CYS B 129 24.04 7.01 -2.25
N SER B 130 24.82 6.94 -3.30
CA SER B 130 24.44 7.53 -4.58
C SER B 130 23.91 6.44 -5.49
N LYS B 131 23.66 6.77 -6.75
CA LYS B 131 23.25 5.75 -7.71
C LYS B 131 24.40 4.80 -7.95
N HIS B 132 24.28 3.58 -7.41
CA HIS B 132 25.23 2.48 -7.64
C HIS B 132 26.60 2.76 -7.05
N SER B 133 26.66 3.51 -5.94
CA SER B 133 27.91 3.72 -5.22
C SER B 133 27.58 4.30 -3.84
N THR B 134 28.24 3.76 -2.81
CA THR B 134 28.07 4.25 -1.45
C THR B 134 29.38 4.45 -0.71
N GLY B 135 30.48 3.82 -1.13
CA GLY B 135 31.72 3.87 -0.40
C GLY B 135 32.38 5.23 -0.38
N PRO B 136 33.07 5.55 0.73
CA PRO B 136 33.85 6.80 0.76
C PRO B 136 35.00 6.79 -0.22
N ARG B 137 35.44 5.61 -0.67
CA ARG B 137 36.50 5.50 -1.66
C ARG B 137 35.87 5.39 -3.04
N ASP B 138 36.09 6.40 -3.88
CA ASP B 138 35.59 6.42 -5.25
C ASP B 138 36.27 7.57 -5.98
N ASP B 139 36.51 7.37 -7.27
CA ASP B 139 37.20 8.38 -8.08
C ASP B 139 36.21 9.31 -8.79
N ARG B 142 33.68 12.68 -9.52
CA ARG B 142 33.04 13.19 -8.30
C ARG B 142 32.18 12.12 -7.63
N ASN B 143 32.22 12.10 -6.30
CA ASN B 143 31.37 11.23 -5.50
C ASN B 143 30.30 12.09 -4.84
N HIS B 144 29.05 11.90 -5.25
CA HIS B 144 27.98 12.77 -4.80
C HIS B 144 27.55 12.47 -3.37
N ALA B 145 27.75 11.22 -2.92
CA ALA B 145 27.19 10.79 -1.64
C ALA B 145 27.74 11.58 -0.47
N ASP B 146 29.03 11.93 -0.51
CA ASP B 146 29.64 12.65 0.59
C ASP B 146 29.01 14.03 0.76
N ALA B 147 28.76 14.74 -0.34
CA ALA B 147 28.16 16.06 -0.25
C ALA B 147 26.77 15.99 0.34
N GLY B 148 25.96 15.03 -0.12
CA GLY B 148 24.63 14.86 0.43
C GLY B 148 24.66 14.47 1.90
N GLU B 149 25.60 13.61 2.28
CA GLU B 149 25.71 13.20 3.68
C GLU B 149 26.06 14.39 4.57
N GLN B 150 27.01 15.22 4.13
CA GLN B 150 27.37 16.39 4.93
C GLN B 150 26.22 17.38 5.01
N PHE B 151 25.51 17.61 3.90
CA PHE B 151 24.37 18.51 3.93
C PHE B 151 23.28 18.00 4.85
N LEU B 152 23.01 16.68 4.82
CA LEU B 152 22.00 16.10 5.69
C LEU B 152 22.40 16.19 7.15
N LEU B 153 23.67 15.92 7.46
CA LEU B 153 24.12 16.06 8.84
C LEU B 153 23.98 17.50 9.30
N SER B 154 24.29 18.45 8.44
CA SER B 154 24.16 19.86 8.82
C SER B 154 22.70 20.23 9.07
N GLN B 155 21.78 19.74 8.24
CA GLN B 155 20.37 20.07 8.46
C GLN B 155 19.83 19.40 9.72
N LEU B 156 20.30 18.18 10.01
CA LEU B 156 19.91 17.51 11.26
C LEU B 156 20.44 18.27 12.47
N LYS B 157 21.68 18.77 12.39
CA LYS B 157 22.21 19.62 13.44
C LYS B 157 21.40 20.90 13.57
N SER B 158 20.95 21.44 12.44
CA SER B 158 20.12 22.65 12.45
C SER B 158 18.83 22.42 13.23
N ILE B 159 18.12 21.34 12.92
CA ILE B 159 16.93 21.01 13.71
C ILE B 159 17.32 20.55 15.11
N GLY B 160 18.47 19.90 15.24
CA GLY B 160 18.91 19.35 16.51
C GLY B 160 18.76 17.86 16.64
N ILE B 161 18.40 17.16 15.57
CA ILE B 161 18.20 15.72 15.60
C ILE B 161 19.55 15.03 15.45
N GLU B 162 19.87 14.15 16.39
CA GLU B 162 21.05 13.32 16.24
C GLU B 162 20.81 12.31 15.12
N PRO B 163 21.84 12.02 14.31
CA PRO B 163 21.63 11.12 13.17
C PRO B 163 21.20 9.72 13.56
N GLN B 164 21.53 9.27 14.77
CA GLN B 164 21.14 7.93 15.18
C GLN B 164 19.62 7.78 15.27
N GLN B 165 18.91 8.86 15.61
CA GLN B 165 17.45 8.80 15.64
C GLN B 165 16.89 8.49 14.26
N LEU B 166 17.34 9.23 13.25
CA LEU B 166 16.90 8.98 11.88
C LEU B 166 17.29 7.59 11.42
N ALA B 167 18.53 7.16 11.72
CA ALA B 167 18.97 5.84 11.30
C ALA B 167 18.13 4.75 11.93
N LEU B 168 17.83 4.87 13.22
CA LEU B 168 17.02 3.87 13.91
C LEU B 168 15.60 3.85 13.36
N GLU B 169 15.01 5.01 13.07
CA GLU B 169 13.68 5.01 12.49
C GLU B 169 13.68 4.33 11.12
N LEU B 170 14.68 4.63 10.30
CA LEU B 170 14.77 4.02 8.98
C LEU B 170 14.92 2.50 9.08
N TYR B 171 15.76 2.04 10.02
CA TYR B 171 15.93 0.60 10.18
C TYR B 171 14.65 -0.06 10.72
N GLN B 172 13.95 0.64 11.62
CA GLN B 172 12.71 0.09 12.16
C GLN B 172 11.66 -0.08 11.08
N ASN B 173 11.52 0.92 10.21
CA ASN B 173 10.58 0.78 9.10
C ASN B 173 11.14 -0.03 7.94
N ASN B 174 12.44 -0.33 7.95
CA ASN B 174 13.12 -0.97 6.83
C ASN B 174 12.88 -0.18 5.54
N VAL B 175 13.27 1.09 5.57
CA VAL B 175 12.89 2.07 4.58
C VAL B 175 14.13 2.80 4.07
N THR B 176 14.13 3.13 2.79
CA THR B 176 15.14 3.97 2.16
C THR B 176 14.45 5.24 1.65
N ALA B 177 15.00 6.39 1.99
CA ALA B 177 14.49 7.67 1.54
C ALA B 177 15.27 8.13 0.32
N VAL B 178 14.55 8.45 -0.75
CA VAL B 178 15.14 8.99 -1.97
C VAL B 178 15.02 10.51 -1.90
N ALA B 179 16.18 11.17 -1.90
CA ALA B 179 16.27 12.62 -1.74
C ALA B 179 17.06 13.23 -2.88
N GLU B 180 16.80 14.53 -3.11
CA GLU B 180 17.38 15.27 -4.22
C GLU B 180 18.25 16.40 -3.68
N TYR B 181 19.56 16.30 -3.90
CA TYR B 181 20.51 17.34 -3.53
C TYR B 181 20.72 18.24 -4.76
N CYS B 182 20.10 19.42 -4.72
CA CYS B 182 20.22 20.39 -5.81
C CYS B 182 21.30 21.40 -5.43
N ASP B 183 22.40 21.38 -6.19
CA ASP B 183 23.48 22.34 -5.97
C ASP B 183 24.25 22.48 -7.27
N ASP B 184 24.25 23.69 -7.84
CA ASP B 184 24.97 23.94 -9.08
C ASP B 184 26.46 24.21 -8.86
N THR B 185 26.90 24.30 -7.60
CA THR B 185 28.32 24.32 -7.29
C THR B 185 28.94 22.93 -7.34
N PHE B 186 28.12 21.89 -7.43
CA PHE B 186 28.57 20.51 -7.50
C PHE B 186 28.18 19.82 -8.79
N GLU B 187 27.11 20.26 -9.45
CA GLU B 187 26.64 19.60 -10.67
C GLU B 187 25.68 20.56 -11.37
N GLU B 188 25.90 20.75 -12.68
CA GLU B 188 25.07 21.65 -13.47
C GLU B 188 24.41 20.85 -14.58
N HIS B 189 23.08 20.82 -14.57
CA HIS B 189 22.28 20.22 -15.63
C HIS B 189 21.76 21.31 -16.57
N ILE B 190 21.15 20.88 -17.67
CA ILE B 190 20.73 21.82 -18.71
C ILE B 190 19.66 22.77 -18.17
N LEU B 191 18.81 22.31 -17.27
CA LEU B 191 17.78 23.13 -16.64
C LEU B 191 17.90 23.01 -15.13
N GLU B 192 17.87 24.14 -14.43
CA GLU B 192 18.00 24.15 -12.98
C GLU B 192 16.65 24.34 -12.29
N ASP B 197 16.01 26.09 -5.10
CA ASP B 197 17.21 26.56 -4.41
C ASP B 197 18.21 25.43 -4.19
N VAL B 198 18.84 25.44 -3.02
CA VAL B 198 19.87 24.45 -2.66
C VAL B 198 19.42 23.74 -1.40
N GLY B 199 19.49 22.41 -1.42
CA GLY B 199 19.13 21.64 -0.25
C GLY B 199 18.81 20.20 -0.63
N LEU B 200 18.13 19.52 0.29
CA LEU B 200 17.69 18.15 0.09
C LEU B 200 16.17 18.13 -0.06
N TYR B 201 15.70 17.67 -1.21
CA TYR B 201 14.28 17.51 -1.48
C TYR B 201 13.92 16.04 -1.32
N LEU B 202 13.05 15.74 -0.35
CA LEU B 202 12.65 14.34 -0.15
C LEU B 202 11.74 13.91 -1.29
N HIS B 203 12.32 13.32 -2.33
CA HIS B 203 11.55 12.93 -3.50
C HIS B 203 10.56 11.82 -3.14
N GLY B 204 10.98 10.85 -2.33
CA GLY B 204 10.07 9.78 -1.98
C GLY B 204 10.66 8.87 -0.93
N ILE B 205 9.88 7.85 -0.56
CA ILE B 205 10.32 6.85 0.42
C ILE B 205 9.89 5.48 -0.06
N ASN B 206 10.81 4.53 -0.05
CA ASN B 206 10.56 3.16 -0.47
C ASN B 206 10.84 2.20 0.67
N TYR B 207 10.26 1.01 0.59
CA TYR B 207 10.55 -0.06 1.53
C TYR B 207 11.66 -0.93 0.97
N ASN B 208 12.63 -1.26 1.82
CA ASN B 208 13.78 -2.07 1.40
C ASN B 208 13.34 -3.52 1.20
N GLU B 209 12.63 -3.78 0.12
CA GLU B 209 12.02 -5.07 -0.15
C GLU B 209 12.30 -5.47 -1.59
N THR B 210 12.22 -6.77 -1.87
CA THR B 210 12.50 -7.26 -3.21
C THR B 210 11.56 -6.64 -4.24
N THR B 211 10.28 -6.51 -3.90
CA THR B 211 9.32 -5.84 -4.75
C THR B 211 9.27 -4.35 -4.43
N PHE B 212 8.65 -3.59 -5.34
CA PHE B 212 8.61 -2.14 -5.26
C PHE B 212 7.32 -1.68 -4.59
N ARG B 213 7.45 -1.05 -3.42
CA ARG B 213 6.34 -0.38 -2.77
C ARG B 213 6.85 0.94 -2.20
N THR B 214 6.19 2.05 -2.53
CA THR B 214 6.62 3.37 -2.17
C THR B 214 5.55 4.08 -1.33
N TRP B 215 6.01 5.04 -0.53
CA TRP B 215 5.10 5.82 0.29
C TRP B 215 4.32 6.83 -0.54
N ASP B 216 3.09 7.11 -0.11
CA ASP B 216 2.31 8.17 -0.71
C ASP B 216 2.94 9.52 -0.40
N MET B 217 2.65 10.51 -1.25
CA MET B 217 3.29 11.82 -1.12
C MET B 217 2.97 12.48 0.21
N ASP B 218 1.83 12.14 0.81
CA ASP B 218 1.47 12.75 2.10
C ASP B 218 2.39 12.26 3.21
N SER B 219 2.62 10.95 3.29
CA SER B 219 3.55 10.43 4.28
C SER B 219 4.98 10.88 4.01
N VAL B 220 5.36 11.02 2.73
CA VAL B 220 6.66 11.55 2.39
C VAL B 220 6.82 12.98 2.90
N SER B 221 5.77 13.80 2.74
CA SER B 221 5.82 15.17 3.25
C SER B 221 5.89 15.18 4.78
N GLU B 222 5.16 14.28 5.43
CA GLU B 222 5.25 14.17 6.88
C GLU B 222 6.68 13.87 7.32
N PHE B 223 7.31 12.90 6.67
CA PHE B 223 8.68 12.54 7.02
C PHE B 223 9.65 13.67 6.74
N ALA B 224 9.45 14.38 5.62
CA ALA B 224 10.29 15.52 5.28
C ALA B 224 10.18 16.60 6.35
N ARG B 225 8.96 16.89 6.80
CA ARG B 225 8.78 17.85 7.88
C ARG B 225 9.47 17.36 9.16
N LYS B 226 9.36 16.06 9.45
CA LYS B 226 9.96 15.53 10.67
C LYS B 226 11.48 15.69 10.66
N TYR B 227 12.13 15.42 9.53
CA TYR B 227 13.58 15.43 9.48
C TYR B 227 14.14 16.52 8.57
N ASN B 228 13.38 17.60 8.34
CA ASN B 228 13.88 18.81 7.71
C ASN B 228 14.38 18.56 6.28
N PHE B 229 13.47 18.13 5.42
CA PHE B 229 13.71 18.04 4.00
C PHE B 229 12.88 19.08 3.26
N LYS B 230 13.31 19.42 2.06
CA LYS B 230 12.48 20.23 1.17
C LYS B 230 11.44 19.35 0.50
N GLN B 231 10.33 19.95 0.11
CA GLN B 231 9.21 19.21 -0.46
C GLN B 231 9.15 19.35 -1.97
N ILE B 232 8.59 18.34 -2.61
CA ILE B 232 8.47 18.29 -4.07
C ILE B 232 7.12 18.86 -4.47
N LYS B 233 7.11 19.69 -5.53
CA LYS B 233 5.86 20.25 -6.05
C LYS B 233 5.10 19.16 -6.79
N TYR B 234 3.94 18.78 -6.26
CA TYR B 234 3.15 17.69 -6.84
C TYR B 234 1.70 18.10 -7.00
N GLU B 235 1.07 17.55 -8.04
CA GLU B 235 -0.35 17.78 -8.30
C GLU B 235 -1.04 16.44 -8.54
N ASN B 236 -2.26 16.31 -8.04
CA ASN B 236 -2.99 15.04 -8.07
C ASN B 236 -4.21 15.12 -8.96
N PHE B 237 -4.47 14.02 -9.67
CA PHE B 237 -5.63 13.89 -10.54
C PHE B 237 -6.27 12.53 -10.28
N ASN B 238 -7.58 12.53 -9.99
CA ASN B 238 -8.23 11.32 -9.52
C ASN B 238 -8.35 10.27 -10.62
N ASP B 239 -8.69 10.68 -11.84
CA ASP B 239 -8.87 9.74 -12.94
C ASP B 239 -7.90 10.07 -14.07
N PHE B 240 -7.83 9.15 -15.03
CA PHE B 240 -6.94 9.33 -16.17
C PHE B 240 -7.37 10.48 -17.07
N THR B 241 -8.67 10.84 -17.06
CA THR B 241 -9.14 11.89 -17.94
C THR B 241 -8.60 13.25 -17.52
N LEU B 242 -8.60 13.55 -16.22
CA LEU B 242 -8.05 14.81 -15.74
C LEU B 242 -6.54 14.88 -15.99
N LEU B 243 -5.84 13.77 -15.80
CA LEU B 243 -4.42 13.73 -16.10
C LEU B 243 -4.16 13.96 -17.58
N LYS B 244 -4.99 13.37 -18.45
CA LYS B 244 -4.85 13.57 -19.88
C LYS B 244 -5.11 15.02 -20.26
N LYS B 245 -6.10 15.65 -19.63
CA LYS B 245 -6.36 17.07 -19.86
C LYS B 245 -5.16 17.92 -19.43
N PHE B 246 -4.58 17.61 -18.26
CA PHE B 246 -3.42 18.37 -17.80
C PHE B 246 -2.25 18.20 -18.76
N LEU B 247 -2.01 16.98 -19.22
CA LEU B 247 -0.91 16.75 -20.16
C LEU B 247 -1.15 17.45 -21.49
N GLU B 248 -2.39 17.43 -21.98
CA GLU B 248 -2.72 18.12 -23.24
C GLU B 248 -2.53 19.62 -23.10
N GLU B 249 -2.99 20.20 -21.99
CA GLU B 249 -2.83 21.63 -21.77
C GLU B 249 -1.36 22.00 -21.64
N CYS B 250 -0.57 21.18 -20.94
CA CYS B 250 0.86 21.43 -20.85
C CYS B 250 1.54 21.32 -22.21
N SER B 251 1.12 20.33 -23.02
CA SER B 251 1.71 20.16 -24.34
C SER B 251 1.41 21.35 -25.25
N ASN B 252 0.16 21.82 -25.24
CA ASN B 252 -0.18 23.00 -26.03
C ASN B 252 0.55 24.23 -25.51
N SER B 253 0.64 24.37 -24.18
CA SER B 253 1.38 25.48 -23.60
C SER B 253 2.88 25.28 -23.71
N GLY B 254 3.34 24.03 -23.66
CA GLY B 254 4.76 23.75 -23.66
C GLY B 254 5.45 23.95 -22.32
N THR B 255 4.69 24.22 -21.26
CA THR B 255 5.26 24.54 -19.96
C THR B 255 4.41 23.93 -18.85
N TYR B 256 5.01 23.87 -17.66
CA TYR B 256 4.26 23.61 -16.44
C TYR B 256 3.73 24.94 -15.90
N HIS B 257 2.70 25.43 -16.59
CA HIS B 257 2.07 26.72 -16.29
C HIS B 257 3.08 27.86 -16.39
N GLY B 258 3.68 27.99 -17.57
CA GLY B 258 4.62 29.06 -17.83
C GLY B 258 6.03 28.83 -17.33
N GLN B 259 6.39 27.61 -16.95
CA GLN B 259 7.73 27.29 -16.47
C GLN B 259 8.42 26.36 -17.45
N GLU B 260 9.62 26.75 -17.89
CA GLU B 260 10.44 25.87 -18.72
C GLU B 260 10.88 24.67 -17.89
N VAL B 261 10.27 23.52 -18.15
CA VAL B 261 10.52 22.31 -17.39
C VAL B 261 10.86 21.17 -18.35
N GLU B 262 11.77 20.30 -17.93
CA GLU B 262 12.21 19.21 -18.80
C GLU B 262 11.13 18.14 -18.94
N GLY B 263 10.48 17.77 -17.85
CA GLY B 263 9.47 16.72 -17.93
C GLY B 263 8.80 16.49 -16.59
N PHE B 264 7.90 15.52 -16.61
CA PHE B 264 7.10 15.12 -15.45
C PHE B 264 7.33 13.66 -15.15
N VAL B 265 7.30 13.32 -13.86
CA VAL B 265 7.29 11.94 -13.38
C VAL B 265 5.93 11.69 -12.73
N ILE B 266 5.23 10.65 -13.19
CA ILE B 266 3.86 10.37 -12.79
C ILE B 266 3.82 9.04 -12.07
N ARG B 267 3.25 9.06 -10.86
CA ARG B 267 3.15 7.89 -10.00
C ARG B 267 1.69 7.49 -9.86
N CYS B 268 1.42 6.21 -10.06
CA CYS B 268 0.06 5.70 -9.93
C CYS B 268 0.16 4.24 -9.50
N LYS B 269 -0.94 3.51 -9.63
CA LYS B 269 -0.92 2.08 -9.35
C LYS B 269 -1.66 1.35 -10.45
N THR B 270 -1.21 0.12 -10.74
CA THR B 270 -1.82 -0.70 -11.75
C THR B 270 -3.16 -1.25 -11.27
N ARG B 271 -3.93 -1.83 -12.19
CA ARG B 271 -5.19 -2.46 -11.79
C ARG B 271 -4.96 -3.84 -11.20
N GLU B 272 -4.21 -4.69 -11.91
CA GLU B 272 -3.92 -6.03 -11.44
C GLU B 272 -2.99 -5.95 -10.24
N ASN B 273 -3.51 -6.35 -9.07
CA ASN B 273 -2.77 -6.40 -7.81
C ASN B 273 -2.49 -5.01 -7.24
N GLY B 274 -2.82 -3.96 -7.99
CA GLY B 274 -2.72 -2.60 -7.47
C GLY B 274 -1.33 -2.19 -7.00
N ASN B 275 -0.30 -2.52 -7.76
CA ASN B 275 1.07 -2.23 -7.37
C ASN B 275 1.50 -0.87 -7.90
N ASP B 276 2.45 -0.26 -7.20
CA ASP B 276 2.95 1.07 -7.56
C ASP B 276 3.66 1.03 -8.92
N PHE B 277 3.49 2.10 -9.69
CA PHE B 277 4.05 2.16 -11.04
C PHE B 277 4.32 3.61 -11.41
N PHE B 278 5.52 3.86 -11.94
CA PHE B 278 5.92 5.18 -12.40
C PHE B 278 6.05 5.19 -13.91
N PHE B 279 5.74 6.34 -14.51
CA PHE B 279 6.12 6.59 -15.91
C PHE B 279 6.47 8.07 -16.06
N LYS B 280 6.94 8.43 -17.25
CA LYS B 280 7.46 9.77 -17.47
C LYS B 280 6.82 10.41 -18.70
N TYR B 281 6.64 11.73 -18.61
CA TYR B 281 6.23 12.56 -19.74
C TYR B 281 7.36 13.52 -20.03
N LYS B 282 7.79 13.59 -21.28
CA LYS B 282 8.95 14.40 -21.62
C LYS B 282 8.53 15.58 -22.48
N PHE B 283 8.95 16.78 -22.07
CA PHE B 283 8.87 17.96 -22.92
C PHE B 283 10.08 17.95 -23.84
N GLU B 284 9.85 17.73 -25.13
CA GLU B 284 10.96 17.53 -26.07
C GLU B 284 11.86 18.75 -26.14
N GLU B 285 11.28 19.93 -26.22
CA GLU B 285 12.01 21.18 -26.34
C GLU B 285 11.47 22.17 -25.32
N PRO B 286 12.27 23.18 -24.93
CA PRO B 286 13.58 23.61 -25.47
C PRO B 286 14.77 22.78 -25.01
N TYR B 287 14.57 21.55 -24.53
CA TYR B 287 15.70 20.71 -24.17
C TYR B 287 16.60 20.45 -25.36
N LEU B 288 16.01 20.15 -26.53
CA LEU B 288 16.80 19.82 -27.71
C LEU B 288 17.60 21.02 -28.18
N MET B 289 16.96 22.19 -28.26
CA MET B 289 17.67 23.38 -28.73
C MET B 289 18.81 23.76 -27.79
N TYR B 290 18.55 23.71 -26.48
CA TYR B 290 19.58 24.06 -25.52
C TYR B 290 20.73 23.06 -25.55
N ARG B 291 20.42 21.77 -25.69
CA ARG B 291 21.48 20.76 -25.77
C ARG B 291 22.29 20.93 -27.04
N GLN B 292 21.64 21.25 -28.16
CA GLN B 292 22.37 21.50 -29.39
C GLN B 292 23.30 22.71 -29.23
N TRP B 293 22.82 23.75 -28.57
CA TRP B 293 23.66 24.92 -28.31
C TRP B 293 24.88 24.53 -27.47
N ARG B 294 24.67 23.75 -26.41
CA ARG B 294 25.78 23.32 -25.57
C ARG B 294 26.76 22.45 -26.35
N GLU B 295 26.25 21.56 -27.19
CA GLU B 295 27.11 20.65 -27.94
C GLU B 295 27.95 21.41 -28.97
N VAL B 296 27.35 22.39 -29.66
CA VAL B 296 28.13 23.18 -30.60
C VAL B 296 29.13 24.06 -29.85
N THR B 297 28.80 24.48 -28.63
CA THR B 297 29.77 25.19 -27.80
C THR B 297 30.98 24.31 -27.52
N LYS B 298 30.73 23.08 -27.09
CA LYS B 298 31.84 22.16 -26.80
C LYS B 298 32.64 21.85 -28.06
N ASP B 299 31.95 21.73 -29.21
CA ASP B 299 32.64 21.48 -30.47
C ASP B 299 33.57 22.62 -30.84
N TYR B 300 33.10 23.87 -30.72
CA TYR B 300 33.97 25.00 -31.00
C TYR B 300 35.10 25.09 -29.98
N ILE B 301 34.86 24.68 -28.74
CA ILE B 301 35.92 24.71 -27.74
C ILE B 301 37.03 23.73 -28.12
N SER B 302 36.66 22.48 -28.41
CA SER B 302 37.66 21.44 -28.60
C SER B 302 38.34 21.50 -29.96
N THR B 303 37.71 22.11 -30.96
CA THR B 303 38.27 22.08 -32.31
C THR B 303 38.27 23.42 -33.03
N LYS B 304 37.78 24.49 -32.41
CA LYS B 304 37.68 25.82 -33.03
C LYS B 304 36.85 25.80 -34.31
N SER B 305 35.93 24.83 -34.42
CA SER B 305 35.09 24.68 -35.60
C SER B 305 33.63 24.91 -35.20
N ARG B 306 32.91 25.69 -36.00
CA ARG B 306 31.53 26.04 -35.73
C ARG B 306 30.60 25.50 -36.80
N VAL B 307 30.82 24.25 -37.20
CA VAL B 307 29.99 23.58 -38.19
C VAL B 307 29.22 22.47 -37.49
N PHE B 308 27.90 22.48 -37.65
CA PHE B 308 27.01 21.51 -37.00
C PHE B 308 26.27 20.71 -38.07
N LYS B 309 25.94 19.46 -37.72
CA LYS B 309 25.29 18.57 -38.67
C LYS B 309 23.79 18.84 -38.76
N PHE B 310 23.11 18.89 -37.61
CA PHE B 310 21.67 19.10 -37.60
C PHE B 310 21.31 20.49 -38.11
N LYS B 311 20.17 20.57 -38.79
CA LYS B 311 19.66 21.81 -39.35
C LYS B 311 18.37 22.27 -38.69
N LYS B 312 18.02 21.68 -37.55
CA LYS B 312 16.71 21.92 -36.95
C LYS B 312 16.55 23.37 -36.52
N HIS B 313 17.59 23.97 -35.95
CA HIS B 313 17.54 25.33 -35.42
C HIS B 313 18.75 26.12 -35.89
N LYS B 314 19.01 26.06 -37.21
CA LYS B 314 20.26 26.59 -37.75
C LYS B 314 20.40 28.09 -37.49
N PHE B 315 19.34 28.87 -37.69
CA PHE B 315 19.45 30.32 -37.56
C PHE B 315 19.76 30.73 -36.13
N ILE B 316 18.97 30.23 -35.17
CA ILE B 316 19.18 30.64 -33.79
C ILE B 316 20.46 30.05 -33.23
N THR B 317 20.85 28.86 -33.68
CA THR B 317 22.14 28.29 -33.27
C THR B 317 23.30 29.14 -33.77
N ASN B 318 23.20 29.63 -35.01
CA ASN B 318 24.25 30.49 -35.54
C ASN B 318 24.30 31.82 -34.81
N LYS B 319 23.14 32.39 -34.45
CA LYS B 319 23.14 33.59 -33.63
C LYS B 319 23.78 33.34 -32.27
N TYR B 320 23.49 32.18 -31.68
CA TYR B 320 24.10 31.79 -30.42
C TYR B 320 25.61 31.69 -30.55
N LEU B 321 26.09 31.07 -31.62
CA LEU B 321 27.53 30.98 -31.85
C LEU B 321 28.15 32.37 -32.04
N ASP B 322 27.44 33.26 -32.75
CA ASP B 322 27.93 34.61 -32.93
C ASP B 322 28.10 35.33 -31.60
N PHE B 323 27.14 35.17 -30.69
CA PHE B 323 27.25 35.83 -29.40
C PHE B 323 28.26 35.14 -28.49
N VAL B 324 28.50 33.85 -28.67
CA VAL B 324 29.23 33.04 -27.70
C VAL B 324 30.71 32.93 -28.03
N ILE B 325 31.04 32.78 -29.33
CA ILE B 325 32.43 32.51 -29.71
C ILE B 325 33.39 33.61 -29.25
N PRO B 326 33.09 34.90 -29.45
CA PRO B 326 34.00 35.94 -28.90
C PRO B 326 34.17 35.83 -27.40
N ILE B 327 33.10 35.46 -26.68
CA ILE B 327 33.22 35.27 -25.24
C ILE B 327 34.17 34.13 -24.93
N LEU B 328 34.04 33.01 -25.65
CA LEU B 328 34.88 31.85 -25.37
C LEU B 328 36.34 32.11 -25.69
N ASP B 329 36.62 32.75 -26.83
CA ASP B 329 38.00 33.08 -27.17
C ASP B 329 38.60 34.04 -26.15
N SER B 330 37.77 34.86 -25.51
CA SER B 330 38.19 35.83 -24.52
C SER B 330 38.34 35.21 -23.13
N SER B 331 38.38 33.89 -23.04
CA SER B 331 38.57 33.28 -21.72
C SER B 331 39.21 31.89 -21.84
N PRO B 332 40.51 31.76 -21.64
CA PRO B 332 41.12 30.41 -21.62
C PRO B 332 40.64 29.53 -20.47
N ALA B 333 39.82 30.05 -19.56
CA ALA B 333 39.38 29.30 -18.38
C ALA B 333 37.89 28.98 -18.38
N LEU B 334 37.04 29.89 -18.88
CA LEU B 334 35.61 29.58 -18.94
C LEU B 334 35.35 28.38 -19.84
N CYS B 335 36.15 28.21 -20.88
CA CYS B 335 36.04 27.01 -21.70
C CYS B 335 36.36 25.76 -20.90
N GLU B 336 37.38 25.85 -20.03
CA GLU B 336 37.69 24.72 -19.15
C GLU B 336 36.53 24.39 -18.24
N GLU B 337 35.89 25.42 -17.66
CA GLU B 337 34.71 25.20 -16.84
C GLU B 337 33.55 24.64 -17.67
N TYR B 338 33.41 25.11 -18.92
CA TYR B 338 32.36 24.60 -19.78
C TYR B 338 32.55 23.12 -20.09
N MET B 339 33.80 22.72 -20.36
CA MET B 339 34.06 21.30 -20.60
C MET B 339 33.91 20.49 -19.34
N LYS B 340 34.25 21.06 -18.18
CA LYS B 340 34.02 20.39 -16.91
C LYS B 340 32.54 20.35 -16.52
N GLY B 341 31.68 21.05 -17.26
CA GLY B 341 30.25 20.98 -17.05
C GLY B 341 29.62 22.14 -16.32
N PHE B 342 30.34 23.25 -16.12
CA PHE B 342 29.85 24.39 -15.36
C PHE B 342 29.79 25.62 -16.25
N GLY B 343 28.72 26.40 -16.11
CA GLY B 343 28.57 27.66 -16.81
C GLY B 343 27.70 27.65 -18.04
N ILE B 344 27.00 26.54 -18.31
CA ILE B 344 26.17 26.47 -19.52
C ILE B 344 24.98 27.40 -19.41
N ILE B 345 24.29 27.37 -18.27
CA ILE B 345 23.05 28.13 -18.12
C ILE B 345 23.32 29.63 -18.15
N LYS B 346 24.43 30.07 -17.56
CA LYS B 346 24.76 31.49 -17.56
C LYS B 346 24.95 32.01 -18.98
N LEU B 347 25.70 31.27 -19.80
CA LEU B 347 25.92 31.70 -21.18
C LEU B 347 24.63 31.64 -21.99
N ARG B 348 23.81 30.60 -21.78
CA ARG B 348 22.54 30.52 -22.49
C ARG B 348 21.64 31.71 -22.17
N ASN B 349 21.56 32.08 -20.89
CA ASN B 349 20.75 33.23 -20.50
C ASN B 349 21.34 34.53 -21.01
N GLU B 350 22.68 34.63 -21.08
CA GLU B 350 23.29 35.82 -21.67
C GLU B 350 22.88 35.97 -23.13
N PHE B 351 22.91 34.87 -23.89
CA PHE B 351 22.48 34.95 -25.28
C PHE B 351 21.00 35.27 -25.38
N LEU B 352 20.18 34.67 -24.52
CA LEU B 352 18.75 34.95 -24.56
C LEU B 352 18.45 36.42 -24.23
N LYS B 353 19.24 37.02 -23.34
CA LYS B 353 19.07 38.44 -23.07
C LYS B 353 19.58 39.31 -24.22
N ASP B 354 20.63 38.86 -24.91
CA ASP B 354 21.14 39.59 -26.07
C ASP B 354 20.19 39.50 -27.26
N PHE B 355 19.31 38.51 -27.27
CA PHE B 355 18.31 38.29 -28.32
C PHE B 355 16.92 38.43 -27.70
N GLY B 356 15.88 38.07 -28.46
CA GLY B 356 14.57 37.93 -27.88
C GLY B 356 14.56 36.83 -26.84
N MET B 357 14.27 37.18 -25.58
CA MET B 357 14.45 36.25 -24.48
C MET B 357 13.37 35.17 -24.54
N SER B 358 13.35 34.31 -23.51
CA SER B 358 12.38 33.22 -23.41
C SER B 358 12.47 32.31 -24.63
N GLY B 359 13.57 31.57 -24.69
CA GLY B 359 13.90 30.71 -25.81
C GLY B 359 12.76 29.86 -26.34
N LEU B 360 11.73 29.66 -25.53
CA LEU B 360 10.48 29.11 -26.05
C LEU B 360 9.90 30.01 -27.14
N GLU B 361 9.82 31.31 -26.86
CA GLU B 361 9.34 32.25 -27.86
C GLU B 361 10.18 32.20 -29.13
N ILE B 362 11.46 31.85 -28.99
CA ILE B 362 12.34 31.72 -30.15
C ILE B 362 11.76 30.70 -31.12
N LEU B 363 11.25 29.58 -30.62
CA LEU B 363 10.57 28.63 -31.48
C LEU B 363 9.08 28.88 -31.61
N ASN B 364 8.53 29.81 -30.83
CA ASN B 364 7.13 30.20 -31.03
C ASN B 364 6.99 30.99 -32.32
N HIS B 365 7.97 31.82 -32.65
CA HIS B 365 7.99 32.62 -33.87
C HIS B 365 9.27 32.34 -34.65
N GLU B 366 9.65 31.07 -34.74
CA GLU B 366 10.94 30.71 -35.33
C GLU B 366 10.92 30.89 -36.84
N LYS B 367 9.92 30.33 -37.52
CA LYS B 367 9.87 30.41 -38.97
C LYS B 367 9.83 31.85 -39.45
N VAL B 368 9.18 32.74 -38.70
CA VAL B 368 9.16 34.16 -39.05
C VAL B 368 10.58 34.73 -39.01
N LEU B 369 11.34 34.40 -37.96
CA LEU B 369 12.70 34.91 -37.83
C LEU B 369 13.61 34.35 -38.92
N GLU B 370 13.45 33.06 -39.25
CA GLU B 370 14.25 32.47 -40.30
C GLU B 370 13.93 33.10 -41.65
N LEU B 371 12.66 33.38 -41.91
CA LEU B 371 12.28 34.10 -43.12
C LEU B 371 12.85 35.52 -43.12
N GLU B 372 12.84 36.18 -41.95
CA GLU B 372 13.49 37.49 -41.84
C GLU B 372 14.93 37.42 -42.30
N ASN B 373 15.69 36.47 -41.73
CA ASN B 373 17.11 36.34 -42.07
C ASN B 373 17.29 36.04 -43.56
N ALA B 374 16.51 35.08 -44.08
CA ALA B 374 16.66 34.67 -45.47
C ALA B 374 16.35 35.83 -46.42
N ASN B 375 15.21 36.51 -46.20
CA ASN B 375 14.81 37.58 -47.11
C ASN B 375 15.74 38.78 -47.00
N LYS B 376 16.17 39.15 -45.79
CA LYS B 376 17.06 40.29 -45.64
C LYS B 376 18.43 40.01 -46.26
N ILE B 377 18.94 38.78 -46.10
CA ILE B 377 20.23 38.44 -46.69
C ILE B 377 20.13 38.38 -48.22
N ASP B 378 19.02 37.82 -48.74
CA ASP B 378 18.87 37.69 -50.18
C ASP B 378 18.85 39.04 -50.89
N TYR B 379 18.51 40.12 -50.20
CA TYR B 379 18.49 41.45 -50.80
C TYR B 379 19.87 42.08 -50.72
P AMP C . -16.88 -17.01 14.42
O1P AMP C . -15.88 -17.86 15.16
O2P AMP C . -17.42 -15.86 15.25
O3P AMP C . -17.92 -17.81 13.67
O5' AMP C . -16.00 -16.30 13.30
C5' AMP C . -14.59 -16.30 13.40
C4' AMP C . -13.92 -16.09 12.06
O4' AMP C . -14.56 -14.99 11.35
C3' AMP C . -12.43 -15.74 12.13
O3' AMP C . -11.74 -16.37 11.06
C2' AMP C . -12.43 -14.23 11.93
O2' AMP C . -11.22 -13.70 11.43
C1' AMP C . -13.59 -14.06 10.94
N9 AMP C . -14.19 -12.71 10.91
C8 AMP C . -14.52 -12.08 9.77
N7 AMP C . -15.04 -10.85 10.01
C5 AMP C . -15.05 -10.68 11.33
C6 AMP C . -15.48 -9.60 12.26
N6 AMP C . -16.01 -8.45 11.79
N1 AMP C . -15.32 -9.81 13.59
C2 AMP C . -14.80 -10.95 14.06
N3 AMP C . -14.39 -11.98 13.28
C4 AMP C . -14.48 -11.90 11.93
CL CL D . 3.65 -18.20 -4.42
P AMP E . 14.63 6.13 -14.50
O1P AMP E . 14.40 4.84 -15.27
O2P AMP E . 15.13 5.93 -13.09
O3P AMP E . 13.50 7.11 -14.63
O5' AMP E . 15.87 6.82 -15.26
C5' AMP E . 15.76 7.22 -16.63
C4' AMP E . 15.66 8.71 -16.75
O4' AMP E . 14.55 9.19 -15.96
C3' AMP E . 16.86 9.51 -16.25
O3' AMP E . 17.89 9.64 -17.22
C2' AMP E . 16.25 10.84 -15.82
O2' AMP E . 16.04 11.68 -16.95
C1' AMP E . 14.88 10.40 -15.30
N9 AMP E . 14.88 10.15 -13.85
C8 AMP E . 15.53 9.14 -13.23
N7 AMP E . 15.34 9.17 -11.88
C5 AMP E . 14.53 10.21 -11.62
C6 AMP E . 13.94 10.80 -10.39
N6 AMP E . 14.17 10.27 -9.17
N1 AMP E . 13.17 11.91 -10.54
C2 AMP E . 12.93 12.44 -11.76
N3 AMP E . 13.44 11.95 -12.91
C4 AMP E . 14.24 10.86 -12.91
CL CL F . 13.80 -13.25 -1.34
#